data_1KMH
#
_entry.id   1KMH
#
_cell.length_a   146.887
_cell.length_b   146.887
_cell.length_c   381.679
_cell.angle_alpha   90.00
_cell.angle_beta   90.00
_cell.angle_gamma   120.00
#
_symmetry.space_group_name_H-M   'H 3 2'
#
loop_
_entity.id
_entity.type
_entity.pdbx_description
1 polymer 'ATPase alpha subunit'
2 polymer 'ATPase beta subunit'
3 non-polymer TENTOXIN
#
loop_
_entity_poly.entity_id
_entity_poly.type
_entity_poly.pdbx_seq_one_letter_code
_entity_poly.pdbx_strand_id
1 'polypeptide(L)'
;MATIRADEISKIIRERIEGYNREVKVVNTGTVLQVGDGIARIHGLDEVMAGELVEFEEGTIGIALNLESNNVGVVLMGDG
LMIQEGSSVKATGRIAQIPVSEAYLGRVINALAKPIDGRGEITASESRLIESPAPGIMSRRSVYEPLQTGLIAIDAMIPV
GRGQRELIIGDRQTGKTAVATDTILNQQGQNVICVYVAIGQKASSVAQVVTNFQERGAMEYTIVVAETADSPATLQYLAP
YTGAALAEYFMYRERHTLIIYDDLSKQAQAYRQMSLLLRRPPGREAYPGDVFYLHSRLLERAAKLSSLLGEGSMTALPIV
ETQAGDVSAYIPTNVISITDGQIFLSADLFNAGIRPAINVGISVSRVGSAAQIKAMKKVAGKLKLELAQFAELEAFAQFA
SDLDKATQNQLARGQRLRELLKQPQSAPLTVEEQVMTIYTGTNGYLDSLELDQVRKYLVELRTYVKTNKPEFQEIISSTK
TFTEEAEALLKEAIQEQMERFLLQEQA
;
A
2 'polypeptide(L)'
;MRINPTTSDPGVSTLEKKNLGRIAQIIGPVLNVAFPPGKMPNIYNALIVKGRDTAGQPMNVTCEVQQLLGNNRVRAVAMS
ATDGLTRGMEVIDTGAPLSVPVGGPTLGRIFNVLGEPVDNLRPVDTRTTSPIHRSAPAFTQLDTKLSIFETGIKVVNLLA
PYRRGGKIGLFGGAGVGKTVLIMELINNIAKAHGGVSVFGGVGERTREGNDLYMEMKESGVINEQNIAESKVALVYGQMN
EPPGARMRVGLTALTMAEYFRDVNEQDVLLFIDNIFRFVQAGSEVSALLGRMPSAVGYQPTLSTEMGSLQERITSTKEGS
ITSIQAVYVPADDLTDPAPATTFAHLDATTVLSRGLAAKGIYPAVDPLDSTSTMLQPRIVGEEHYEIAQRVKETLQRYKE
LQDIIAILGLDELSEEDRLTVARARKIERFLSQPFFVAEVFTGSPGKYVGLAETIRGFQLILSGELDSLPEQAFYLVGNI
DEATAKAMNLEMESKLKK
;
B
#
# COMPACT_ATOMS: atom_id res chain seq x y z
N LYS A 25 -39.80 23.59 -14.75
CA LYS A 25 -39.53 22.58 -13.67
C LYS A 25 -38.17 22.72 -12.97
N VAL A 26 -38.14 23.51 -11.90
CA VAL A 26 -36.95 23.63 -11.09
C VAL A 26 -36.70 22.36 -10.29
N VAL A 27 -37.27 21.23 -10.74
CA VAL A 27 -37.13 19.95 -10.03
C VAL A 27 -36.33 18.89 -10.79
N ASN A 28 -36.58 18.73 -12.09
CA ASN A 28 -35.83 17.73 -12.90
C ASN A 28 -35.22 18.28 -14.18
N THR A 29 -35.27 19.60 -14.30
CA THR A 29 -34.64 20.35 -15.37
C THR A 29 -34.05 21.65 -14.77
N GLY A 30 -33.25 22.33 -15.57
CA GLY A 30 -32.63 23.55 -15.15
C GLY A 30 -31.96 24.31 -16.26
N THR A 31 -31.57 25.52 -15.88
CA THR A 31 -30.95 26.46 -16.77
C THR A 31 -29.47 26.38 -16.51
N VAL A 32 -28.67 26.88 -17.43
CA VAL A 32 -27.25 26.90 -17.36
C VAL A 32 -26.82 28.28 -17.03
N LEU A 33 -26.14 28.44 -15.92
CA LEU A 33 -25.65 29.72 -15.49
C LEU A 33 -24.34 30.09 -16.21
N GLN A 34 -23.37 29.18 -16.25
CA GLN A 34 -22.08 29.49 -16.80
C GLN A 34 -21.23 28.30 -17.19
N VAL A 35 -20.39 28.43 -18.19
CA VAL A 35 -19.60 27.27 -18.70
C VAL A 35 -18.16 27.71 -18.84
N GLY A 36 -17.39 27.52 -17.82
CA GLY A 36 -16.02 28.00 -17.90
C GLY A 36 -14.94 26.98 -17.67
N ASP A 37 -14.39 26.45 -18.74
CA ASP A 37 -13.30 25.53 -18.63
C ASP A 37 -13.74 24.11 -18.36
N GLY A 38 -14.72 23.67 -19.14
CA GLY A 38 -15.22 22.29 -19.02
C GLY A 38 -16.11 21.97 -17.80
N ILE A 39 -16.39 23.00 -16.99
CA ILE A 39 -17.29 22.90 -15.82
C ILE A 39 -18.41 23.84 -16.08
N ALA A 40 -19.59 23.50 -15.57
CA ALA A 40 -20.77 24.36 -15.75
C ALA A 40 -21.49 24.60 -14.40
N ARG A 41 -21.99 25.75 -14.17
CA ARG A 41 -22.75 25.99 -12.99
C ARG A 41 -24.23 25.96 -13.38
N ILE A 42 -24.94 24.90 -13.02
CA ILE A 42 -26.32 24.67 -13.34
C ILE A 42 -27.09 25.28 -12.26
N HIS A 43 -28.23 25.78 -12.58
CA HIS A 43 -29.11 26.43 -11.66
C HIS A 43 -30.36 25.50 -11.68
N GLY A 44 -31.02 25.47 -10.53
CA GLY A 44 -32.19 24.64 -10.37
C GLY A 44 -31.73 23.22 -10.25
N LEU A 45 -32.58 22.27 -10.72
CA LEU A 45 -32.30 20.82 -10.55
C LEU A 45 -32.27 20.35 -9.06
N ASP A 46 -33.19 20.78 -8.21
CA ASP A 46 -33.14 20.41 -6.86
C ASP A 46 -32.99 18.90 -6.58
N GLU A 47 -33.68 18.08 -7.35
CA GLU A 47 -33.64 16.66 -7.13
C GLU A 47 -32.28 15.98 -7.43
N VAL A 48 -31.44 16.55 -8.26
CA VAL A 48 -30.15 15.87 -8.52
C VAL A 48 -29.58 15.21 -7.29
N MET A 49 -28.77 14.18 -7.51
CA MET A 49 -28.02 13.48 -6.47
C MET A 49 -26.51 13.72 -6.64
N ALA A 50 -25.75 13.65 -5.60
CA ALA A 50 -24.33 13.85 -5.80
C ALA A 50 -23.89 12.65 -6.52
N GLY A 51 -23.37 12.85 -7.72
CA GLY A 51 -22.82 11.79 -8.53
C GLY A 51 -23.70 11.43 -9.64
N GLU A 52 -24.73 12.22 -9.86
CA GLU A 52 -25.71 11.86 -10.91
C GLU A 52 -25.37 12.44 -12.23
N LEU A 53 -25.71 11.76 -13.34
CA LEU A 53 -25.41 12.32 -14.67
C LEU A 53 -26.48 13.32 -15.09
N VAL A 54 -26.12 14.45 -15.72
CA VAL A 54 -27.05 15.47 -16.23
C VAL A 54 -26.84 15.56 -17.68
N GLU A 55 -27.85 15.91 -18.46
CA GLU A 55 -27.75 15.98 -19.94
C GLU A 55 -27.99 17.34 -20.47
N PHE A 56 -27.07 17.85 -21.27
CA PHE A 56 -27.25 19.24 -21.77
C PHE A 56 -28.10 19.35 -23.04
N GLU A 57 -28.55 20.55 -23.43
CA GLU A 57 -29.37 20.68 -24.65
C GLU A 57 -28.64 20.14 -25.88
N GLU A 58 -27.42 20.62 -26.09
CA GLU A 58 -26.63 20.17 -27.20
C GLU A 58 -26.15 18.76 -26.90
N GLY A 59 -26.81 18.09 -25.97
CA GLY A 59 -26.52 16.68 -25.67
C GLY A 59 -25.14 16.33 -25.09
N THR A 60 -24.66 17.17 -24.18
CA THR A 60 -23.32 16.96 -23.59
C THR A 60 -23.52 16.42 -22.19
N ILE A 61 -22.84 15.33 -21.86
CA ILE A 61 -23.02 14.59 -20.59
C ILE A 61 -22.04 15.11 -19.56
N GLY A 62 -22.46 15.18 -18.30
CA GLY A 62 -21.61 15.69 -17.26
C GLY A 62 -22.03 15.14 -15.92
N ILE A 63 -21.15 15.11 -14.93
CA ILE A 63 -21.51 14.62 -13.61
C ILE A 63 -21.81 15.72 -12.53
N ALA A 64 -22.55 15.41 -11.45
CA ALA A 64 -22.83 16.52 -10.54
C ALA A 64 -22.06 16.40 -9.27
N LEU A 65 -21.35 17.43 -8.83
CA LEU A 65 -20.61 17.31 -7.56
C LEU A 65 -20.79 18.31 -6.57
N ASN A 66 -20.95 19.52 -6.98
CA ASN A 66 -21.21 20.62 -6.04
C ASN A 66 -22.70 20.88 -5.80
N LEU A 67 -23.32 20.15 -4.90
CA LEU A 67 -24.75 20.38 -4.70
C LEU A 67 -24.99 21.72 -3.85
N GLU A 68 -24.21 22.79 -4.20
CA GLU A 68 -24.20 23.99 -3.48
C GLU A 68 -25.55 24.49 -3.31
N SER A 69 -25.76 25.33 -2.30
CA SER A 69 -27.06 25.88 -1.86
C SER A 69 -28.15 26.24 -2.89
N ASN A 70 -27.81 26.95 -3.91
CA ASN A 70 -28.78 27.32 -4.91
C ASN A 70 -28.29 27.05 -6.33
N ASN A 71 -27.08 26.56 -6.52
CA ASN A 71 -26.60 26.20 -7.82
C ASN A 71 -25.89 24.86 -7.84
N VAL A 72 -25.82 24.16 -8.96
CA VAL A 72 -25.11 22.89 -8.96
C VAL A 72 -23.80 22.98 -9.73
N GLY A 73 -22.72 22.45 -9.18
CA GLY A 73 -21.44 22.49 -9.85
C GLY A 73 -21.32 21.22 -10.67
N VAL A 74 -21.42 21.33 -11.97
CA VAL A 74 -21.31 20.16 -12.80
C VAL A 74 -20.01 20.12 -13.62
N VAL A 75 -19.33 18.95 -13.62
CA VAL A 75 -18.09 18.78 -14.44
C VAL A 75 -18.42 18.19 -15.75
N LEU A 76 -18.24 18.88 -16.84
CA LEU A 76 -18.62 18.38 -18.19
C LEU A 76 -17.72 17.24 -18.58
N MET A 77 -18.22 16.47 -19.54
CA MET A 77 -17.52 15.31 -20.09
C MET A 77 -17.50 15.50 -21.60
N GLY A 78 -16.81 16.54 -22.02
CA GLY A 78 -16.74 16.83 -23.43
C GLY A 78 -16.33 18.26 -23.72
N ASP A 79 -16.46 18.63 -24.98
CA ASP A 79 -16.15 20.00 -25.34
C ASP A 79 -17.29 20.87 -24.84
N GLY A 80 -17.03 21.63 -23.79
CA GLY A 80 -18.07 22.51 -23.30
C GLY A 80 -18.36 23.66 -24.24
N LEU A 81 -17.55 23.78 -25.32
CA LEU A 81 -17.70 24.85 -26.30
C LEU A 81 -19.16 24.83 -26.70
N MET A 82 -19.85 23.72 -26.47
CA MET A 82 -21.22 23.60 -26.92
C MET A 82 -22.28 24.21 -25.98
N ILE A 83 -22.14 23.91 -24.68
CA ILE A 83 -23.08 24.41 -23.70
C ILE A 83 -23.24 25.97 -23.83
N GLN A 84 -24.48 26.44 -23.79
CA GLN A 84 -24.72 27.86 -23.82
C GLN A 84 -25.62 28.35 -22.66
N GLU A 85 -25.12 29.41 -22.01
CA GLU A 85 -25.76 30.06 -20.90
C GLU A 85 -27.18 30.43 -21.24
N GLY A 86 -28.09 29.54 -20.94
CA GLY A 86 -29.50 29.76 -21.16
C GLY A 86 -30.10 28.42 -21.52
N SER A 87 -29.26 27.52 -22.00
CA SER A 87 -29.71 26.21 -22.43
C SER A 87 -30.12 25.53 -21.25
N SER A 88 -31.06 24.59 -21.38
CA SER A 88 -31.50 23.84 -20.17
C SER A 88 -30.79 22.48 -20.05
N VAL A 89 -31.05 21.83 -18.89
CA VAL A 89 -30.45 20.54 -18.57
C VAL A 89 -31.41 19.59 -17.87
N LYS A 90 -31.40 18.34 -18.34
CA LYS A 90 -32.22 17.28 -17.81
C LYS A 90 -31.39 16.48 -16.86
N ALA A 91 -32.00 15.98 -15.82
CA ALA A 91 -31.30 15.12 -14.89
C ALA A 91 -31.46 13.54 -15.25
N THR A 92 -30.51 12.97 -15.95
CA THR A 92 -30.63 11.64 -16.25
C THR A 92 -31.13 10.68 -15.15
N GLY A 93 -31.05 11.06 -13.89
CA GLY A 93 -31.50 10.21 -12.80
C GLY A 93 -30.59 9.02 -12.58
N ARG A 94 -29.58 8.84 -13.39
CA ARG A 94 -28.76 7.66 -13.23
C ARG A 94 -27.41 8.06 -12.69
N ILE A 95 -26.87 7.26 -11.77
CA ILE A 95 -25.64 7.64 -11.12
C ILE A 95 -24.53 7.13 -11.88
N ALA A 96 -24.27 7.66 -13.07
CA ALA A 96 -23.11 7.27 -13.95
C ALA A 96 -22.93 5.74 -14.18
N GLN A 97 -23.80 5.15 -14.93
CA GLN A 97 -23.65 3.74 -15.07
C GLN A 97 -22.84 3.52 -16.33
N ILE A 98 -22.26 2.33 -16.49
CA ILE A 98 -21.49 1.89 -17.67
C ILE A 98 -21.96 0.50 -18.06
N PRO A 99 -22.11 0.23 -19.32
CA PRO A 99 -22.49 -1.09 -19.84
C PRO A 99 -21.38 -2.12 -19.72
N VAL A 100 -21.67 -3.39 -19.56
CA VAL A 100 -20.59 -4.35 -19.38
C VAL A 100 -21.00 -5.71 -19.91
N SER A 101 -20.03 -6.53 -20.27
CA SER A 101 -20.28 -7.88 -20.78
C SER A 101 -19.07 -8.61 -21.32
N GLU A 102 -19.32 -9.37 -22.37
CA GLU A 102 -18.29 -10.14 -22.99
C GLU A 102 -18.17 -9.49 -24.34
N ALA A 103 -19.20 -8.78 -24.69
CA ALA A 103 -19.26 -8.14 -25.99
C ALA A 103 -18.06 -7.31 -26.36
N TYR A 104 -17.20 -7.03 -25.39
CA TYR A 104 -15.97 -6.26 -25.62
C TYR A 104 -14.77 -7.08 -26.13
N LEU A 105 -14.02 -7.63 -25.20
CA LEU A 105 -12.87 -8.44 -25.56
C LEU A 105 -12.35 -8.27 -27.00
N GLY A 106 -11.83 -7.10 -27.32
CA GLY A 106 -11.26 -6.86 -28.62
C GLY A 106 -11.72 -5.54 -29.20
N ARG A 107 -12.20 -4.62 -28.36
CA ARG A 107 -12.72 -3.34 -28.86
C ARG A 107 -12.06 -2.17 -28.19
N VAL A 108 -11.31 -1.35 -28.90
CA VAL A 108 -10.74 -0.20 -28.21
C VAL A 108 -11.94 0.65 -27.84
N ILE A 109 -12.28 0.64 -26.54
CA ILE A 109 -13.42 1.33 -25.98
C ILE A 109 -13.11 2.78 -25.52
N ASN A 110 -14.10 3.64 -25.53
CA ASN A 110 -13.95 5.05 -25.12
C ASN A 110 -13.83 5.25 -23.63
N ALA A 111 -14.61 6.17 -23.08
CA ALA A 111 -14.56 6.41 -21.65
C ALA A 111 -15.91 6.31 -21.03
N LEU A 112 -16.93 6.38 -21.83
CA LEU A 112 -18.27 6.19 -21.39
C LEU A 112 -18.72 4.95 -22.12
N ALA A 113 -17.78 4.04 -22.25
CA ALA A 113 -17.97 2.75 -22.88
C ALA A 113 -18.66 2.74 -24.24
N LYS A 114 -18.19 3.52 -25.20
CA LYS A 114 -18.76 3.50 -26.57
C LYS A 114 -17.60 3.33 -27.51
N PRO A 115 -17.69 2.50 -28.51
CA PRO A 115 -16.54 2.23 -29.41
C PRO A 115 -15.89 3.47 -30.07
N ILE A 116 -14.58 3.36 -30.20
CA ILE A 116 -13.82 4.40 -30.85
C ILE A 116 -12.92 3.74 -31.89
N ASP A 117 -13.34 2.57 -32.40
CA ASP A 117 -12.56 1.81 -33.35
C ASP A 117 -13.28 1.58 -34.62
N GLY A 118 -14.59 1.80 -34.63
CA GLY A 118 -15.41 1.59 -35.81
C GLY A 118 -15.76 0.15 -36.13
N ARG A 119 -16.37 -0.56 -35.21
CA ARG A 119 -16.75 -1.93 -35.47
C ARG A 119 -18.17 -2.18 -35.04
N GLY A 120 -18.90 -1.10 -34.80
CA GLY A 120 -20.29 -1.20 -34.39
C GLY A 120 -20.48 -0.93 -32.91
N GLU A 121 -21.69 -1.18 -32.43
CA GLU A 121 -21.99 -0.97 -31.01
C GLU A 121 -21.59 -2.24 -30.22
N ILE A 122 -21.73 -2.19 -28.90
CA ILE A 122 -21.40 -3.33 -28.04
C ILE A 122 -22.63 -3.86 -27.34
N THR A 123 -22.87 -5.15 -27.49
CA THR A 123 -24.01 -5.83 -26.89
C THR A 123 -23.96 -5.91 -25.35
N ALA A 124 -24.40 -4.85 -24.68
CA ALA A 124 -24.42 -4.81 -23.24
C ALA A 124 -25.74 -5.30 -22.72
N SER A 125 -25.71 -6.34 -21.90
CA SER A 125 -26.88 -6.95 -21.29
C SER A 125 -27.08 -6.35 -19.87
N GLU A 126 -25.99 -6.33 -19.11
CA GLU A 126 -25.98 -5.71 -17.79
C GLU A 126 -25.27 -4.36 -17.80
N SER A 127 -25.09 -3.76 -16.65
CA SER A 127 -24.39 -2.48 -16.64
C SER A 127 -23.97 -2.04 -15.25
N ARG A 128 -22.69 -2.19 -14.94
CA ARG A 128 -22.22 -1.94 -13.60
C ARG A 128 -21.76 -0.48 -13.47
N LEU A 129 -21.66 0.01 -12.23
CA LEU A 129 -21.20 1.38 -11.93
C LEU A 129 -19.68 1.50 -12.08
N ILE A 130 -19.28 2.77 -12.31
CA ILE A 130 -17.92 3.22 -12.48
C ILE A 130 -17.39 3.22 -11.13
N GLU A 131 -17.94 3.95 -10.19
CA GLU A 131 -17.45 3.93 -8.86
C GLU A 131 -18.26 2.95 -7.96
N SER A 132 -17.70 1.87 -7.45
CA SER A 132 -18.50 0.97 -6.59
C SER A 132 -17.63 0.56 -5.46
N PRO A 133 -18.17 0.16 -4.30
CA PRO A 133 -17.33 -0.14 -3.15
C PRO A 133 -16.50 -1.34 -3.49
N ALA A 134 -15.28 -1.42 -2.92
CA ALA A 134 -14.35 -2.52 -3.13
C ALA A 134 -14.51 -3.62 -2.01
N PRO A 135 -14.17 -4.89 -2.39
CA PRO A 135 -14.23 -6.04 -1.54
C PRO A 135 -13.60 -5.86 -0.26
N GLY A 136 -14.31 -6.11 0.82
CA GLY A 136 -13.86 -5.94 2.17
C GLY A 136 -12.84 -6.91 2.72
N ILE A 137 -12.87 -7.26 4.01
CA ILE A 137 -11.85 -8.07 4.57
C ILE A 137 -12.35 -9.49 4.72
N MET A 138 -13.66 -9.71 4.81
CA MET A 138 -14.19 -11.08 4.83
C MET A 138 -14.18 -11.53 3.38
N SER A 139 -14.56 -10.71 2.45
CA SER A 139 -14.62 -11.17 1.10
C SER A 139 -13.28 -11.31 0.47
N ARG A 140 -12.27 -11.65 1.24
CA ARG A 140 -10.93 -11.77 0.65
C ARG A 140 -10.05 -12.90 1.17
N ARG A 141 -9.06 -13.26 0.35
CA ARG A 141 -8.10 -14.33 0.69
C ARG A 141 -6.69 -14.02 0.23
N SER A 142 -5.70 -14.46 0.97
CA SER A 142 -4.34 -14.21 0.58
C SER A 142 -4.05 -14.64 -0.89
N VAL A 143 -2.95 -14.14 -1.46
CA VAL A 143 -2.61 -14.46 -2.83
C VAL A 143 -1.70 -15.73 -2.94
N TYR A 144 -2.17 -16.73 -3.66
CA TYR A 144 -1.40 -17.91 -3.88
C TYR A 144 -1.32 -18.18 -5.41
N GLU A 145 -2.27 -17.65 -6.13
CA GLU A 145 -2.34 -17.88 -7.56
C GLU A 145 -1.30 -17.07 -8.29
N PRO A 146 -0.39 -17.73 -8.96
CA PRO A 146 0.63 -17.02 -9.73
C PRO A 146 0.10 -16.19 -10.86
N LEU A 147 1.01 -15.47 -11.50
CA LEU A 147 0.67 -14.58 -12.63
C LEU A 147 1.89 -14.43 -13.50
N GLN A 148 1.95 -15.29 -14.53
CA GLN A 148 3.07 -15.30 -15.43
C GLN A 148 3.03 -14.09 -16.40
N THR A 149 4.18 -13.41 -16.53
CA THR A 149 4.30 -12.24 -17.39
C THR A 149 5.29 -12.33 -18.59
N GLY A 150 6.03 -13.42 -18.67
CA GLY A 150 7.00 -13.63 -19.73
C GLY A 150 8.31 -12.88 -19.50
N LEU A 151 8.51 -12.37 -18.28
CA LEU A 151 9.69 -11.62 -17.95
C LEU A 151 10.48 -12.32 -16.85
N ILE A 152 11.59 -12.93 -17.25
CA ILE A 152 12.47 -13.64 -16.37
C ILE A 152 12.88 -12.81 -15.18
N ALA A 153 12.93 -11.49 -15.35
CA ALA A 153 13.34 -10.62 -14.27
C ALA A 153 12.19 -10.34 -13.31
N ILE A 154 10.95 -10.55 -13.76
CA ILE A 154 9.75 -10.25 -12.94
C ILE A 154 9.21 -11.47 -12.21
N ASP A 155 8.88 -12.52 -12.98
CA ASP A 155 8.30 -13.74 -12.42
C ASP A 155 9.27 -14.63 -11.67
N ALA A 156 10.45 -14.13 -11.26
CA ALA A 156 11.46 -14.92 -10.53
C ALA A 156 12.03 -14.16 -9.34
N MET A 157 11.93 -12.84 -9.35
CA MET A 157 12.43 -12.04 -8.24
C MET A 157 11.38 -10.99 -7.82
N ILE A 158 10.46 -10.69 -8.74
CA ILE A 158 9.37 -9.77 -8.46
C ILE A 158 8.07 -10.55 -8.70
N PRO A 159 7.71 -11.43 -7.76
CA PRO A 159 6.54 -12.30 -7.92
C PRO A 159 5.18 -11.63 -7.80
N VAL A 160 4.49 -11.48 -8.93
CA VAL A 160 3.16 -10.88 -8.90
C VAL A 160 2.15 -11.98 -8.91
N GLY A 161 1.29 -12.08 -7.87
CA GLY A 161 0.27 -13.11 -7.83
C GLY A 161 -1.08 -12.53 -8.20
N ARG A 162 -2.07 -13.33 -8.60
CA ARG A 162 -3.42 -12.80 -8.95
C ARG A 162 -4.19 -12.16 -7.77
N GLY A 163 -4.68 -10.97 -8.02
CA GLY A 163 -5.40 -10.23 -7.00
C GLY A 163 -4.45 -9.16 -6.40
N GLN A 164 -3.17 -9.44 -6.48
CA GLN A 164 -2.20 -8.54 -5.93
C GLN A 164 -2.03 -7.34 -6.83
N ARG A 165 -1.78 -6.19 -6.18
CA ARG A 165 -1.57 -4.88 -6.85
C ARG A 165 -0.05 -4.69 -6.91
N GLU A 166 0.46 -4.54 -8.12
CA GLU A 166 1.90 -4.39 -8.33
C GLU A 166 2.14 -3.16 -9.15
N LEU A 167 2.91 -2.22 -8.62
CA LEU A 167 3.20 -0.94 -9.30
C LEU A 167 4.40 -1.05 -10.26
N ILE A 168 4.34 -0.26 -11.34
CA ILE A 168 5.39 -0.15 -12.36
C ILE A 168 5.90 1.27 -12.39
N ILE A 169 7.10 1.52 -11.85
CA ILE A 169 7.67 2.86 -11.76
C ILE A 169 8.83 3.11 -12.72
N GLY A 170 8.91 4.33 -13.26
CA GLY A 170 10.00 4.69 -14.16
C GLY A 170 9.81 6.01 -14.86
N ASP A 171 10.92 6.70 -15.15
CA ASP A 171 10.87 7.99 -15.80
C ASP A 171 10.27 7.84 -17.22
N ARG A 172 10.52 8.85 -18.06
CA ARG A 172 10.07 8.85 -19.42
C ARG A 172 10.94 7.85 -20.15
N GLN A 173 10.38 7.22 -21.14
CA GLN A 173 11.08 6.20 -21.91
C GLN A 173 11.81 5.24 -21.00
N THR A 174 11.10 4.52 -20.15
CA THR A 174 11.77 3.61 -19.24
C THR A 174 11.33 2.13 -19.40
N GLY A 175 10.87 1.77 -20.59
CA GLY A 175 10.38 0.43 -20.95
C GLY A 175 9.26 -0.11 -20.07
N LYS A 176 8.58 0.77 -19.32
CA LYS A 176 7.48 0.42 -18.39
C LYS A 176 6.32 -0.11 -19.25
N THR A 177 5.76 0.70 -20.14
CA THR A 177 4.66 0.25 -20.98
C THR A 177 5.06 -1.03 -21.54
N ALA A 178 6.31 -1.20 -21.91
CA ALA A 178 6.79 -2.48 -22.49
C ALA A 178 6.66 -3.69 -21.53
N VAL A 179 6.96 -3.45 -20.24
CA VAL A 179 6.79 -4.48 -19.26
C VAL A 179 5.34 -4.93 -19.38
N ALA A 180 4.46 -3.97 -19.60
CA ALA A 180 3.06 -4.24 -19.69
C ALA A 180 2.66 -4.86 -20.99
N THR A 181 3.17 -4.36 -22.09
CA THR A 181 2.82 -4.88 -23.41
C THR A 181 3.09 -6.40 -23.47
N ASP A 182 4.29 -6.79 -23.03
CA ASP A 182 4.67 -8.20 -23.01
C ASP A 182 3.77 -9.00 -22.08
N THR A 183 3.58 -8.54 -20.84
CA THR A 183 2.71 -9.24 -19.85
C THR A 183 1.29 -9.60 -20.34
N ILE A 184 0.48 -8.65 -20.69
CA ILE A 184 -0.82 -9.00 -21.24
C ILE A 184 -0.65 -9.99 -22.41
N LEU A 185 0.38 -9.80 -23.24
CA LEU A 185 0.66 -10.72 -24.36
C LEU A 185 0.82 -12.12 -23.77
N ASN A 186 1.69 -12.21 -22.77
CA ASN A 186 2.08 -13.46 -22.19
C ASN A 186 0.95 -14.15 -21.48
N GLN A 187 -0.29 -13.86 -21.80
CA GLN A 187 -1.38 -14.58 -21.13
C GLN A 187 -2.08 -15.69 -21.95
N GLN A 188 -1.78 -16.93 -21.57
CA GLN A 188 -2.33 -18.11 -22.22
C GLN A 188 -3.84 -17.99 -22.25
N GLY A 189 -4.43 -18.38 -23.37
CA GLY A 189 -5.88 -18.28 -23.55
C GLY A 189 -6.68 -18.84 -22.39
N GLN A 190 -7.91 -18.34 -22.23
CA GLN A 190 -8.84 -18.81 -21.20
C GLN A 190 -8.24 -18.60 -19.80
N ASN A 191 -7.03 -18.05 -19.74
CA ASN A 191 -6.34 -17.92 -18.48
C ASN A 191 -6.61 -16.69 -17.70
N VAL A 192 -6.44 -15.51 -18.32
CA VAL A 192 -6.63 -14.22 -17.63
C VAL A 192 -7.17 -13.20 -18.55
N ILE A 193 -8.18 -12.43 -18.17
CA ILE A 193 -8.75 -11.36 -19.01
C ILE A 193 -7.99 -10.06 -18.75
N CYS A 194 -7.75 -9.27 -19.79
CA CYS A 194 -6.93 -8.11 -19.55
C CYS A 194 -7.58 -6.78 -19.98
N VAL A 195 -7.33 -5.72 -19.22
CA VAL A 195 -7.88 -4.43 -19.60
C VAL A 195 -6.70 -3.51 -19.69
N TYR A 196 -6.61 -2.75 -20.82
CA TYR A 196 -5.53 -1.82 -21.09
C TYR A 196 -6.07 -0.38 -20.97
N VAL A 197 -5.83 0.32 -19.88
CA VAL A 197 -6.32 1.63 -19.76
C VAL A 197 -5.25 2.62 -19.98
N ALA A 198 -5.43 3.45 -21.01
CA ALA A 198 -4.54 4.57 -21.30
C ALA A 198 -5.13 5.89 -20.83
N ILE A 199 -4.36 6.65 -20.01
CA ILE A 199 -4.82 7.95 -19.51
C ILE A 199 -3.94 9.10 -20.01
N GLY A 200 -4.39 9.89 -20.96
CA GLY A 200 -3.54 10.97 -21.38
C GLY A 200 -2.42 10.56 -22.31
N GLN A 201 -2.59 9.37 -22.87
CA GLN A 201 -1.57 8.83 -23.80
C GLN A 201 -1.91 9.45 -25.15
N LYS A 202 -1.05 9.30 -26.14
CA LYS A 202 -1.34 9.79 -27.49
C LYS A 202 -2.16 8.87 -28.32
N ALA A 203 -2.95 9.38 -29.16
CA ALA A 203 -3.72 8.52 -30.07
C ALA A 203 -2.79 7.56 -30.71
N SER A 204 -1.95 8.04 -31.64
CA SER A 204 -0.97 7.20 -32.33
C SER A 204 -0.39 6.15 -31.41
N SER A 205 0.37 6.55 -30.42
CA SER A 205 0.97 5.61 -29.51
C SER A 205 0.02 4.59 -28.97
N VAL A 206 -1.22 4.94 -28.77
CA VAL A 206 -2.16 3.93 -28.28
C VAL A 206 -2.34 2.95 -29.43
N ALA A 207 -2.42 3.45 -30.62
CA ALA A 207 -2.63 2.59 -31.77
C ALA A 207 -1.45 1.63 -32.06
N GLN A 208 -0.24 2.16 -31.97
CA GLN A 208 0.96 1.39 -32.21
C GLN A 208 0.83 0.19 -31.26
N VAL A 209 0.14 0.36 -30.14
CA VAL A 209 -0.01 -0.72 -29.16
C VAL A 209 -1.15 -1.62 -29.49
N VAL A 210 -2.35 -1.07 -29.66
CA VAL A 210 -3.58 -1.81 -30.00
C VAL A 210 -3.42 -2.69 -31.27
N THR A 211 -2.33 -2.47 -32.01
CA THR A 211 -2.01 -3.28 -33.19
C THR A 211 -1.08 -4.40 -32.69
N ASN A 212 0.10 -4.01 -32.13
CA ASN A 212 1.07 -4.99 -31.69
C ASN A 212 0.47 -5.95 -30.73
N PHE A 213 -0.88 -5.96 -30.61
CA PHE A 213 -1.58 -6.83 -29.65
C PHE A 213 -2.50 -7.73 -30.40
N GLN A 214 -2.80 -7.26 -31.59
CA GLN A 214 -3.63 -8.06 -32.51
C GLN A 214 -2.73 -9.06 -33.28
N GLU A 215 -1.63 -8.54 -33.84
CA GLU A 215 -0.69 -9.32 -34.60
C GLU A 215 -0.21 -10.54 -33.77
N ARG A 216 -0.58 -10.58 -32.51
CA ARG A 216 -0.23 -11.76 -31.73
C ARG A 216 -1.45 -12.40 -31.06
N GLY A 217 -2.61 -12.12 -31.66
CA GLY A 217 -3.89 -12.64 -31.19
C GLY A 217 -4.32 -12.35 -29.74
N ALA A 218 -3.58 -11.47 -29.08
CA ALA A 218 -3.80 -11.12 -27.68
C ALA A 218 -4.97 -10.15 -27.51
N MET A 219 -5.43 -9.55 -28.61
CA MET A 219 -6.57 -8.62 -28.49
C MET A 219 -7.94 -9.32 -28.58
N GLU A 220 -7.94 -10.63 -28.38
CA GLU A 220 -9.17 -11.39 -28.37
C GLU A 220 -9.60 -11.54 -26.92
N TYR A 221 -8.81 -11.00 -26.02
CA TYR A 221 -9.17 -11.07 -24.61
C TYR A 221 -8.80 -9.86 -23.75
N THR A 222 -8.66 -8.68 -24.39
CA THR A 222 -8.23 -7.49 -23.71
C THR A 222 -9.03 -6.37 -24.21
N ILE A 223 -9.43 -5.47 -23.33
CA ILE A 223 -10.12 -4.24 -23.70
C ILE A 223 -9.12 -3.04 -23.67
N VAL A 224 -9.36 -2.02 -24.47
CA VAL A 224 -8.49 -0.86 -24.49
C VAL A 224 -9.31 0.39 -24.08
N VAL A 225 -9.52 0.53 -22.77
CA VAL A 225 -10.22 1.64 -22.21
C VAL A 225 -9.29 2.76 -22.27
N ALA A 226 -9.31 3.61 -23.29
CA ALA A 226 -8.30 4.74 -23.34
C ALA A 226 -8.87 6.13 -23.70
N GLU A 227 -8.27 7.18 -23.10
CA GLU A 227 -8.69 8.52 -23.34
C GLU A 227 -7.46 9.42 -23.63
N THR A 228 -7.24 9.81 -24.91
CA THR A 228 -6.13 10.61 -25.31
C THR A 228 -6.00 11.94 -24.57
N ALA A 229 -4.89 12.63 -24.86
CA ALA A 229 -4.56 13.93 -24.30
C ALA A 229 -5.67 14.97 -24.69
N ASP A 230 -6.04 15.01 -25.94
CA ASP A 230 -7.04 15.96 -26.35
C ASP A 230 -8.31 15.80 -25.61
N SER A 231 -8.71 14.55 -25.35
CA SER A 231 -9.98 14.24 -24.59
C SER A 231 -10.09 15.10 -23.29
N PRO A 232 -11.30 15.57 -23.05
CA PRO A 232 -11.49 16.50 -21.96
C PRO A 232 -11.07 15.86 -20.72
N ALA A 233 -10.37 16.57 -19.82
CA ALA A 233 -9.92 16.08 -18.47
C ALA A 233 -10.98 15.36 -17.55
N THR A 234 -12.20 15.79 -17.64
CA THR A 234 -13.14 15.11 -16.83
C THR A 234 -13.34 13.65 -17.25
N LEU A 235 -12.33 13.05 -17.84
CA LEU A 235 -12.47 11.68 -18.34
C LEU A 235 -11.26 10.88 -17.96
N GLN A 236 -10.06 11.42 -18.18
CA GLN A 236 -8.87 10.72 -17.79
C GLN A 236 -8.96 10.24 -16.34
N TYR A 237 -9.95 10.74 -15.56
CA TYR A 237 -10.20 10.33 -14.18
C TYR A 237 -10.78 8.98 -14.30
N LEU A 238 -11.95 8.92 -14.93
CA LEU A 238 -12.62 7.63 -15.08
C LEU A 238 -11.88 6.66 -15.96
N ALA A 239 -10.85 7.08 -16.68
CA ALA A 239 -10.23 6.14 -17.58
C ALA A 239 -10.01 4.81 -16.81
N PRO A 240 -9.33 4.92 -15.69
CA PRO A 240 -9.12 3.72 -14.93
C PRO A 240 -10.41 3.24 -14.35
N TYR A 241 -11.15 4.07 -13.66
CA TYR A 241 -12.44 3.61 -13.04
C TYR A 241 -13.22 2.72 -14.01
N THR A 242 -13.41 3.14 -15.25
CA THR A 242 -14.14 2.32 -16.18
C THR A 242 -13.36 1.10 -16.26
N GLY A 243 -12.15 1.29 -16.77
CA GLY A 243 -11.24 0.16 -16.99
C GLY A 243 -11.22 -0.81 -15.83
N ALA A 244 -11.65 -0.39 -14.65
CA ALA A 244 -11.65 -1.23 -13.48
C ALA A 244 -12.99 -1.90 -13.35
N ALA A 245 -14.09 -1.16 -13.62
CA ALA A 245 -15.46 -1.67 -13.54
C ALA A 245 -15.65 -2.79 -14.57
N LEU A 246 -15.19 -2.53 -15.79
CA LEU A 246 -15.23 -3.50 -16.91
C LEU A 246 -14.54 -4.76 -16.51
N ALA A 247 -13.60 -4.68 -15.61
CA ALA A 247 -12.88 -5.85 -15.23
C ALA A 247 -13.61 -6.55 -14.06
N GLU A 248 -14.19 -5.78 -13.14
CA GLU A 248 -14.91 -6.29 -11.95
C GLU A 248 -16.05 -7.16 -12.38
N TYR A 249 -16.46 -7.11 -13.65
CA TYR A 249 -17.59 -7.92 -14.16
C TYR A 249 -17.13 -9.34 -14.29
N PHE A 250 -15.86 -9.54 -14.62
CA PHE A 250 -15.23 -10.88 -14.72
C PHE A 250 -14.84 -11.45 -13.36
N MET A 251 -14.48 -10.61 -12.38
CA MET A 251 -14.05 -11.02 -11.08
C MET A 251 -15.20 -11.69 -10.37
N TYR A 252 -16.31 -10.97 -10.21
CA TYR A 252 -17.47 -11.53 -9.54
C TYR A 252 -18.07 -12.77 -10.25
N ARG A 253 -17.41 -13.15 -11.35
CA ARG A 253 -17.81 -14.26 -12.14
C ARG A 253 -16.72 -15.31 -12.07
N GLU A 254 -16.04 -15.35 -10.96
CA GLU A 254 -14.99 -16.33 -10.76
C GLU A 254 -13.85 -16.26 -11.72
N ARG A 255 -13.84 -15.29 -12.66
CA ARG A 255 -12.76 -15.08 -13.66
C ARG A 255 -11.65 -14.27 -13.14
N HIS A 256 -10.52 -14.28 -13.81
CA HIS A 256 -9.38 -13.48 -13.33
C HIS A 256 -9.02 -12.32 -14.33
N THR A 257 -8.63 -11.15 -13.79
CA THR A 257 -8.32 -10.01 -14.61
C THR A 257 -6.93 -9.45 -14.32
N LEU A 258 -6.44 -8.60 -15.23
CA LEU A 258 -5.15 -7.94 -15.05
C LEU A 258 -5.41 -6.59 -15.52
N ILE A 259 -5.18 -5.60 -14.71
CA ILE A 259 -5.44 -4.25 -15.19
C ILE A 259 -4.13 -3.46 -15.21
N ILE A 260 -3.88 -2.85 -16.40
CA ILE A 260 -2.76 -1.94 -16.58
C ILE A 260 -3.32 -0.53 -16.80
N TYR A 261 -3.03 0.40 -15.90
CA TYR A 261 -3.48 1.76 -16.07
C TYR A 261 -2.32 2.62 -16.48
N ASP A 262 -2.08 2.81 -17.75
CA ASP A 262 -0.91 3.54 -18.23
C ASP A 262 -0.80 4.92 -17.62
N ASP A 263 0.00 5.06 -16.56
CA ASP A 263 0.13 6.30 -15.82
C ASP A 263 -1.11 6.71 -15.00
N LEU A 264 -0.87 6.67 -13.69
CA LEU A 264 -1.81 7.16 -12.74
C LEU A 264 -1.38 8.59 -12.47
N SER A 265 -0.25 8.97 -13.05
CA SER A 265 0.30 10.27 -12.88
C SER A 265 -0.55 11.11 -13.76
N LYS A 266 -0.68 10.76 -15.00
CA LYS A 266 -1.49 11.58 -15.84
C LYS A 266 -2.93 11.60 -15.37
N GLN A 267 -3.35 10.71 -14.50
CA GLN A 267 -4.73 10.79 -14.03
C GLN A 267 -4.81 11.70 -12.85
N ALA A 268 -3.80 11.68 -12.02
CA ALA A 268 -3.77 12.54 -10.84
C ALA A 268 -3.86 13.98 -11.30
N GLN A 269 -3.05 14.28 -12.34
CA GLN A 269 -2.99 15.63 -12.96
C GLN A 269 -4.39 16.02 -13.41
N ALA A 270 -5.11 15.15 -14.05
CA ALA A 270 -6.40 15.54 -14.51
C ALA A 270 -7.36 15.87 -13.32
N TYR A 271 -7.00 15.31 -12.16
CA TYR A 271 -7.77 15.54 -10.92
C TYR A 271 -7.55 16.95 -10.48
N ARG A 272 -6.31 17.27 -10.27
CA ARG A 272 -5.97 18.62 -9.89
C ARG A 272 -6.72 19.67 -10.75
N GLN A 273 -6.75 19.44 -12.06
CA GLN A 273 -7.38 20.36 -12.93
C GLN A 273 -8.86 20.53 -12.64
N MET A 274 -9.53 19.51 -12.20
CA MET A 274 -10.96 19.71 -11.94
C MET A 274 -11.25 20.41 -10.58
N SER A 275 -10.46 20.13 -9.59
CA SER A 275 -10.73 20.74 -8.31
C SER A 275 -10.57 22.24 -8.43
N LEU A 276 -9.48 22.66 -9.07
CA LEU A 276 -9.17 24.09 -9.25
C LEU A 276 -10.28 24.82 -10.13
N LEU A 277 -10.84 24.07 -11.07
CA LEU A 277 -11.88 24.59 -11.94
C LEU A 277 -13.25 24.58 -11.18
N LEU A 278 -13.31 23.82 -10.08
CA LEU A 278 -14.51 23.76 -9.25
C LEU A 278 -14.25 24.76 -8.08
N ARG A 279 -13.06 25.31 -8.12
CA ARG A 279 -12.70 26.25 -7.10
C ARG A 279 -12.59 25.60 -5.74
N ARG A 280 -11.90 24.47 -5.69
CA ARG A 280 -11.69 23.78 -4.45
C ARG A 280 -10.23 23.91 -3.93
N PRO A 281 -10.13 24.19 -2.64
CA PRO A 281 -8.82 24.44 -1.98
C PRO A 281 -7.73 23.37 -2.23
N PRO A 282 -6.61 23.79 -2.78
CA PRO A 282 -5.50 22.91 -3.10
C PRO A 282 -4.49 22.87 -2.04
N GLY A 283 -3.35 22.23 -2.33
CA GLY A 283 -2.23 21.94 -1.44
C GLY A 283 -0.95 21.53 -2.17
N ARG A 284 -0.10 20.63 -1.63
CA ARG A 284 1.17 20.26 -2.24
C ARG A 284 1.01 20.12 -3.74
N GLU A 285 1.98 20.73 -4.48
CA GLU A 285 1.97 20.73 -5.98
C GLU A 285 0.52 20.92 -6.55
N ALA A 286 -0.21 21.85 -5.97
CA ALA A 286 -1.56 22.18 -6.37
C ALA A 286 -2.49 21.05 -6.37
N TYR A 287 -2.01 19.90 -5.86
CA TYR A 287 -2.84 18.65 -5.78
C TYR A 287 -3.94 18.76 -4.75
N PRO A 288 -5.16 18.40 -5.10
CA PRO A 288 -6.29 18.56 -4.17
C PRO A 288 -6.14 17.86 -2.82
N GLY A 289 -7.22 17.81 -2.06
CA GLY A 289 -7.22 17.12 -0.78
C GLY A 289 -7.92 15.74 -0.81
N ASP A 290 -7.96 15.09 -1.97
CA ASP A 290 -8.54 13.80 -2.09
C ASP A 290 -7.77 13.11 -3.21
N VAL A 291 -6.46 13.41 -3.29
CA VAL A 291 -5.55 12.84 -4.32
C VAL A 291 -5.12 11.41 -4.00
N PHE A 292 -5.26 11.03 -2.73
CA PHE A 292 -4.93 9.72 -2.22
C PHE A 292 -6.13 8.79 -2.32
N TYR A 293 -7.33 9.30 -2.58
CA TYR A 293 -8.51 8.49 -2.78
C TYR A 293 -8.78 8.38 -4.32
N LEU A 294 -7.70 8.27 -5.04
CA LEU A 294 -7.70 8.12 -6.48
C LEU A 294 -6.95 6.83 -6.73
N HIS A 295 -6.11 6.45 -5.79
CA HIS A 295 -5.37 5.24 -5.95
C HIS A 295 -5.69 4.32 -4.83
N SER A 296 -5.83 4.84 -3.62
CA SER A 296 -6.25 3.97 -2.60
C SER A 296 -7.68 3.56 -3.03
N ARG A 297 -8.23 3.70 -4.27
CA ARG A 297 -9.56 3.09 -4.63
C ARG A 297 -9.46 2.24 -5.89
N LEU A 298 -8.74 2.71 -6.91
CA LEU A 298 -8.54 1.94 -8.09
C LEU A 298 -7.82 0.63 -7.70
N LEU A 299 -6.76 0.78 -6.90
CA LEU A 299 -5.94 -0.29 -6.51
C LEU A 299 -6.50 -1.19 -5.44
N GLU A 300 -7.48 -0.70 -4.69
CA GLU A 300 -8.22 -1.54 -3.65
C GLU A 300 -9.32 -2.41 -4.33
N ARG A 301 -10.02 -1.89 -5.28
CA ARG A 301 -11.09 -2.58 -5.91
C ARG A 301 -10.56 -3.78 -6.62
N ALA A 302 -9.23 -3.94 -6.49
CA ALA A 302 -8.57 -5.07 -7.13
C ALA A 302 -8.13 -6.04 -6.05
N ALA A 303 -8.49 -7.31 -6.14
CA ALA A 303 -8.09 -8.24 -5.11
C ALA A 303 -8.46 -9.73 -5.44
N LYS A 304 -8.21 -10.63 -4.48
CA LYS A 304 -8.55 -12.03 -4.60
C LYS A 304 -9.70 -12.33 -3.69
N LEU A 305 -10.91 -12.31 -4.23
CA LEU A 305 -12.16 -12.57 -3.47
C LEU A 305 -12.12 -13.96 -2.83
N SER A 306 -12.81 -14.12 -1.73
CA SER A 306 -12.89 -15.42 -1.09
C SER A 306 -13.48 -16.49 -2.04
N SER A 307 -13.32 -17.79 -1.68
CA SER A 307 -13.86 -18.89 -2.54
C SER A 307 -15.37 -18.96 -2.22
N LEU A 308 -15.80 -18.14 -1.30
CA LEU A 308 -17.19 -18.08 -1.00
C LEU A 308 -17.87 -16.98 -1.79
N LEU A 309 -17.21 -16.54 -2.89
CA LEU A 309 -17.67 -15.48 -3.83
C LEU A 309 -17.36 -15.83 -5.26
N GLY A 310 -16.38 -16.72 -5.48
CA GLY A 310 -16.01 -17.20 -6.81
C GLY A 310 -14.51 -17.40 -7.07
N GLU A 311 -13.67 -17.17 -6.07
CA GLU A 311 -12.25 -17.32 -6.31
C GLU A 311 -11.77 -16.35 -7.43
N GLY A 312 -12.70 -15.57 -7.97
CA GLY A 312 -12.35 -14.64 -9.03
C GLY A 312 -11.37 -13.65 -8.46
N SER A 313 -10.48 -13.08 -9.29
CA SER A 313 -9.51 -12.10 -8.84
C SER A 313 -9.23 -11.02 -9.88
N MET A 314 -8.47 -10.00 -9.47
CA MET A 314 -8.08 -8.91 -10.35
C MET A 314 -6.78 -8.41 -9.90
N THR A 315 -5.78 -8.43 -10.81
CA THR A 315 -4.39 -7.97 -10.55
C THR A 315 -4.21 -6.70 -11.28
N ALA A 316 -3.85 -5.65 -10.55
CA ALA A 316 -3.66 -4.40 -11.23
C ALA A 316 -2.22 -3.99 -11.22
N LEU A 317 -1.78 -3.53 -12.37
CA LEU A 317 -0.43 -3.12 -12.52
C LEU A 317 -0.55 -1.71 -12.99
N PRO A 318 -0.47 -0.75 -12.05
CA PRO A 318 -0.55 0.67 -12.36
C PRO A 318 0.78 1.28 -12.66
N ILE A 319 0.89 2.18 -13.66
CA ILE A 319 2.20 2.81 -13.97
C ILE A 319 2.23 4.21 -13.41
N VAL A 320 3.38 4.62 -12.89
CA VAL A 320 3.47 5.96 -12.38
C VAL A 320 4.78 6.50 -12.82
N GLU A 321 4.79 7.44 -13.78
CA GLU A 321 6.03 8.03 -14.28
C GLU A 321 6.68 8.92 -13.24
N THR A 322 8.00 9.04 -13.31
CA THR A 322 8.73 9.87 -12.37
C THR A 322 9.46 11.04 -13.05
N GLN A 323 10.10 11.88 -12.24
CA GLN A 323 10.86 13.02 -12.75
C GLN A 323 12.26 13.02 -12.12
N ALA A 324 13.24 12.72 -12.94
CA ALA A 324 14.61 12.72 -12.46
C ALA A 324 14.84 11.62 -11.44
N GLY A 325 14.15 10.49 -11.59
CA GLY A 325 14.31 9.41 -10.62
C GLY A 325 13.93 9.80 -9.20
N ASP A 326 13.07 10.82 -9.12
CA ASP A 326 12.59 11.38 -7.84
C ASP A 326 11.38 10.60 -7.35
N VAL A 327 11.66 9.54 -6.61
CA VAL A 327 10.64 8.65 -6.06
C VAL A 327 9.81 9.33 -5.01
N SER A 328 10.46 10.00 -4.06
CA SER A 328 9.73 10.66 -2.98
C SER A 328 8.64 11.69 -3.39
N ALA A 329 8.46 11.92 -4.68
CA ALA A 329 7.42 12.83 -5.17
C ALA A 329 6.04 12.35 -4.72
N TYR A 330 5.17 13.33 -4.38
CA TYR A 330 3.81 13.13 -3.88
C TYR A 330 3.17 11.96 -4.57
N ILE A 331 2.65 12.13 -5.78
CA ILE A 331 1.96 11.03 -6.42
C ILE A 331 2.73 9.73 -6.34
N PRO A 332 3.94 9.62 -6.83
CA PRO A 332 4.68 8.36 -6.70
C PRO A 332 4.82 7.94 -5.27
N THR A 333 4.94 8.87 -4.31
CA THR A 333 4.98 8.53 -2.87
C THR A 333 3.69 7.84 -2.45
N ASN A 334 2.60 8.54 -2.66
CA ASN A 334 1.31 7.99 -2.32
C ASN A 334 1.03 6.63 -2.95
N VAL A 335 1.06 6.52 -4.26
CA VAL A 335 0.76 5.24 -4.90
C VAL A 335 1.61 4.05 -4.31
N ILE A 336 2.95 4.23 -4.24
CA ILE A 336 3.82 3.18 -3.68
C ILE A 336 3.24 2.70 -2.30
N SER A 337 2.63 3.61 -1.58
CA SER A 337 2.14 3.21 -0.32
C SER A 337 0.79 2.64 -0.41
N ILE A 338 0.33 2.33 -1.62
CA ILE A 338 -1.01 1.69 -1.84
C ILE A 338 -0.90 0.25 -2.49
N THR A 339 0.25 0.01 -3.13
CA THR A 339 0.53 -1.14 -3.88
C THR A 339 1.33 -2.09 -3.08
N ASP A 340 1.31 -3.36 -3.47
CA ASP A 340 1.99 -4.46 -2.74
C ASP A 340 3.35 -4.77 -3.28
N GLY A 341 3.99 -3.78 -3.89
CA GLY A 341 5.29 -4.01 -4.50
C GLY A 341 5.51 -3.04 -5.66
N GLN A 342 6.76 -2.84 -6.05
CA GLN A 342 7.10 -1.99 -7.13
C GLN A 342 8.06 -2.69 -8.05
N ILE A 343 8.18 -2.22 -9.28
CA ILE A 343 9.17 -2.73 -10.23
C ILE A 343 9.92 -1.53 -10.77
N PHE A 344 10.74 -0.90 -9.95
CA PHE A 344 11.48 0.25 -10.36
C PHE A 344 12.20 -0.08 -11.62
N LEU A 345 12.28 0.91 -12.51
CA LEU A 345 13.00 0.78 -13.78
C LEU A 345 13.91 1.99 -13.85
N SER A 346 15.15 1.85 -14.33
CA SER A 346 16.11 2.98 -14.29
C SER A 346 16.51 3.58 -15.65
N ALA A 347 16.70 4.91 -15.64
CA ALA A 347 17.13 5.66 -16.80
C ALA A 347 18.66 5.62 -16.99
N ASP A 348 19.39 5.22 -15.96
CA ASP A 348 20.83 5.11 -16.06
C ASP A 348 21.23 3.71 -16.46
N LEU A 349 20.43 2.71 -16.09
CA LEU A 349 20.69 1.30 -16.41
C LEU A 349 20.01 0.78 -17.69
N PHE A 350 19.92 1.62 -18.72
CA PHE A 350 19.32 1.18 -19.96
C PHE A 350 20.43 0.59 -20.82
N ASN A 351 20.93 1.46 -21.72
CA ASN A 351 21.99 1.17 -22.66
C ASN A 351 23.09 0.32 -22.07
N ALA A 352 23.26 0.38 -20.75
CA ALA A 352 24.27 -0.40 -20.05
C ALA A 352 24.14 -1.91 -20.33
N GLY A 353 23.24 -2.24 -21.27
CA GLY A 353 22.97 -3.63 -21.60
C GLY A 353 21.65 -4.09 -21.02
N ILE A 354 21.40 -3.71 -19.77
CA ILE A 354 20.19 -4.05 -19.06
C ILE A 354 18.97 -3.60 -19.83
N ARG A 355 18.43 -4.49 -20.64
CA ARG A 355 17.23 -4.21 -21.42
C ARG A 355 16.37 -5.47 -21.44
N PRO A 356 15.24 -5.51 -20.73
CA PRO A 356 14.69 -4.40 -19.92
C PRO A 356 15.39 -4.06 -18.59
N ALA A 357 15.25 -2.80 -18.17
CA ALA A 357 15.93 -2.32 -16.99
C ALA A 357 15.14 -2.51 -15.72
N ILE A 358 15.41 -3.59 -15.00
CA ILE A 358 14.73 -3.84 -13.74
C ILE A 358 15.65 -3.65 -12.51
N ASN A 359 15.42 -2.61 -11.72
CA ASN A 359 16.21 -2.39 -10.51
C ASN A 359 15.81 -3.39 -9.41
N VAL A 360 15.81 -4.68 -9.77
CA VAL A 360 15.45 -5.79 -8.86
C VAL A 360 16.03 -5.55 -7.45
N GLY A 361 16.96 -4.63 -7.38
CA GLY A 361 17.56 -4.33 -6.11
C GLY A 361 16.63 -3.56 -5.20
N ILE A 362 15.77 -2.75 -5.80
CA ILE A 362 14.82 -2.00 -4.97
C ILE A 362 13.38 -2.43 -5.23
N SER A 363 13.18 -3.08 -6.37
CA SER A 363 11.90 -3.63 -6.78
C SER A 363 11.49 -4.72 -5.79
N VAL A 364 10.38 -4.49 -5.10
CA VAL A 364 9.88 -5.45 -4.14
C VAL A 364 8.52 -6.13 -4.48
N SER A 365 8.16 -7.09 -3.65
CA SER A 365 6.88 -7.80 -3.81
C SER A 365 6.29 -8.36 -2.51
N ARG A 366 5.49 -7.56 -1.86
CA ARG A 366 4.94 -7.87 -0.55
C ARG A 366 4.25 -9.22 -0.45
N VAL A 367 3.77 -9.75 -1.54
CA VAL A 367 3.05 -11.04 -1.45
C VAL A 367 4.02 -12.10 -1.04
N GLY A 368 5.23 -11.98 -1.61
CA GLY A 368 6.31 -12.93 -1.41
C GLY A 368 6.35 -13.95 -2.53
N SER A 369 7.23 -14.93 -2.38
CA SER A 369 7.40 -16.00 -3.37
C SER A 369 6.11 -16.79 -3.40
N ALA A 370 5.21 -16.48 -2.47
CA ALA A 370 3.90 -17.13 -2.39
C ALA A 370 3.17 -17.06 -3.72
N ALA A 371 3.57 -16.18 -4.62
CA ALA A 371 2.91 -16.07 -5.89
C ALA A 371 3.58 -16.90 -6.98
N GLN A 372 4.49 -17.79 -6.55
CA GLN A 372 5.28 -18.63 -7.47
C GLN A 372 5.08 -20.10 -7.17
N ILE A 373 5.36 -20.94 -8.16
CA ILE A 373 5.27 -22.39 -8.00
C ILE A 373 6.47 -22.86 -7.18
N LYS A 374 6.75 -24.16 -7.18
CA LYS A 374 7.89 -24.71 -6.45
C LYS A 374 9.05 -24.69 -7.41
N ALA A 375 8.76 -25.07 -8.67
CA ALA A 375 9.77 -25.10 -9.73
C ALA A 375 10.49 -23.75 -9.88
N MET A 376 9.77 -22.66 -9.63
CA MET A 376 10.37 -21.34 -9.70
C MET A 376 11.07 -21.04 -8.37
N LYS A 377 10.40 -21.28 -7.25
CA LYS A 377 10.99 -21.03 -5.96
C LYS A 377 12.38 -21.63 -5.86
N LYS A 378 12.52 -22.89 -6.28
CA LYS A 378 13.79 -23.61 -6.21
C LYS A 378 14.90 -22.87 -6.91
N VAL A 379 14.57 -22.21 -8.01
CA VAL A 379 15.58 -21.48 -8.76
C VAL A 379 15.60 -20.01 -8.35
N ALA A 380 14.45 -19.36 -8.48
CA ALA A 380 14.26 -17.96 -8.15
C ALA A 380 14.79 -17.58 -6.74
N GLY A 381 14.27 -18.25 -5.72
CA GLY A 381 14.69 -18.00 -4.36
C GLY A 381 16.20 -17.94 -4.31
N LYS A 382 16.84 -18.92 -4.98
CA LYS A 382 18.30 -18.99 -5.04
C LYS A 382 18.89 -17.84 -5.82
N LEU A 383 18.23 -17.51 -6.93
CA LEU A 383 18.66 -16.39 -7.78
C LEU A 383 18.50 -15.09 -7.01
N LYS A 384 17.64 -15.13 -5.99
CA LYS A 384 17.39 -13.99 -5.13
C LYS A 384 18.65 -13.73 -4.32
N LEU A 385 19.06 -14.75 -3.57
CA LEU A 385 20.26 -14.67 -2.74
C LEU A 385 21.50 -14.22 -3.54
N GLU A 386 21.53 -14.58 -4.82
CA GLU A 386 22.66 -14.22 -5.68
C GLU A 386 22.61 -12.73 -6.05
N LEU A 387 21.67 -12.35 -6.90
CA LEU A 387 21.53 -10.97 -7.34
C LEU A 387 21.18 -10.03 -6.17
N ALA A 388 21.61 -10.42 -4.97
CA ALA A 388 21.40 -9.66 -3.75
C ALA A 388 22.75 -9.48 -3.08
N GLN A 389 23.68 -10.38 -3.37
CA GLN A 389 25.05 -10.35 -2.80
C GLN A 389 25.94 -9.51 -3.70
N PHE A 390 25.71 -9.62 -5.00
CA PHE A 390 26.47 -8.88 -5.99
C PHE A 390 26.19 -7.39 -5.79
N ALA A 391 24.96 -7.09 -5.42
CA ALA A 391 24.56 -5.71 -5.21
C ALA A 391 25.46 -5.02 -4.19
N GLU A 392 25.94 -5.77 -3.19
CA GLU A 392 26.79 -5.22 -2.13
C GLU A 392 28.25 -4.97 -2.54
N LEU A 393 28.74 -5.64 -3.59
CA LEU A 393 30.13 -5.46 -4.05
C LEU A 393 30.18 -4.92 -5.48
N GLU A 394 29.03 -4.88 -6.13
CA GLU A 394 28.95 -4.43 -7.52
C GLU A 394 29.90 -3.27 -7.86
N ALA A 395 29.79 -2.17 -7.12
CA ALA A 395 30.59 -0.99 -7.37
C ALA A 395 32.09 -1.29 -7.31
N PHE A 396 32.45 -2.49 -6.85
CA PHE A 396 33.86 -2.86 -6.78
C PHE A 396 34.45 -3.30 -8.14
N ALA A 397 33.69 -4.10 -8.87
CA ALA A 397 34.12 -4.63 -10.17
C ALA A 397 34.98 -3.66 -11.00
N GLN A 398 34.46 -2.47 -11.28
CA GLN A 398 35.20 -1.50 -12.08
C GLN A 398 36.50 -1.07 -11.40
N PHE A 399 36.51 -1.09 -10.08
CA PHE A 399 37.69 -0.70 -9.33
C PHE A 399 38.31 -1.87 -8.60
N ALA A 400 38.23 -3.05 -9.20
CA ALA A 400 38.78 -4.27 -8.61
C ALA A 400 40.24 -4.47 -9.00
N SER A 401 41.14 -3.85 -8.27
CA SER A 401 42.58 -3.94 -8.56
C SER A 401 43.18 -5.27 -8.10
N ASP A 402 42.60 -5.86 -7.06
CA ASP A 402 43.10 -7.12 -6.52
C ASP A 402 42.15 -7.70 -5.47
N LEU A 403 40.97 -8.15 -5.90
CA LEU A 403 40.00 -8.73 -4.99
C LEU A 403 40.24 -10.23 -4.82
N ASP A 404 39.54 -10.83 -3.86
CA ASP A 404 39.66 -12.26 -3.61
C ASP A 404 38.70 -13.02 -4.47
N LYS A 405 38.99 -14.29 -4.73
CA LYS A 405 38.11 -15.14 -5.54
C LYS A 405 36.74 -15.33 -4.91
N ALA A 406 36.71 -15.33 -3.57
CA ALA A 406 35.46 -15.46 -2.81
C ALA A 406 34.53 -14.32 -3.18
N THR A 407 35.10 -13.28 -3.79
CA THR A 407 34.35 -12.14 -4.25
C THR A 407 34.23 -12.23 -5.76
N GLN A 408 35.32 -12.65 -6.40
CA GLN A 408 35.33 -12.80 -7.85
C GLN A 408 34.16 -13.69 -8.25
N ASN A 409 33.99 -14.79 -7.53
CA ASN A 409 32.89 -15.72 -7.78
C ASN A 409 31.60 -14.94 -7.93
N GLN A 410 31.47 -13.85 -7.18
CA GLN A 410 30.29 -13.01 -7.19
C GLN A 410 30.27 -12.01 -8.34
N LEU A 411 31.42 -11.38 -8.59
CA LEU A 411 31.54 -10.41 -9.68
C LEU A 411 31.73 -11.15 -11.00
N ALA A 412 31.50 -12.46 -10.95
CA ALA A 412 31.59 -13.32 -12.11
C ALA A 412 30.17 -13.80 -12.37
N ARG A 413 29.63 -14.51 -11.37
CA ARG A 413 28.24 -15.01 -11.42
C ARG A 413 27.27 -13.82 -11.43
N GLY A 414 27.80 -12.61 -11.31
CA GLY A 414 27.00 -11.41 -11.26
C GLY A 414 26.41 -11.00 -12.60
N GLN A 415 27.21 -10.35 -13.43
CA GLN A 415 26.75 -9.86 -14.73
C GLN A 415 26.35 -10.98 -15.69
N ARG A 416 26.30 -12.21 -15.18
CA ARG A 416 25.88 -13.35 -15.97
C ARG A 416 24.36 -13.41 -15.98
N LEU A 417 23.81 -13.67 -14.80
CA LEU A 417 22.37 -13.75 -14.61
C LEU A 417 21.67 -12.50 -15.19
N ARG A 418 22.31 -11.36 -15.14
CA ARG A 418 21.75 -10.13 -15.64
C ARG A 418 21.38 -10.27 -17.09
N GLU A 419 22.28 -10.80 -17.90
CA GLU A 419 22.05 -10.94 -19.34
C GLU A 419 20.97 -11.95 -19.64
N LEU A 420 20.64 -12.76 -18.65
CA LEU A 420 19.53 -13.70 -18.78
C LEU A 420 18.28 -12.87 -18.52
N LEU A 421 18.41 -12.00 -17.52
CA LEU A 421 17.39 -11.08 -17.08
C LEU A 421 17.12 -10.04 -18.15
N LYS A 422 18.00 -9.93 -19.12
CA LYS A 422 17.77 -8.98 -20.21
C LYS A 422 16.78 -9.65 -21.14
N GLN A 423 15.90 -8.88 -21.74
CA GLN A 423 14.89 -9.47 -22.62
C GLN A 423 14.47 -8.59 -23.79
N PRO A 424 14.29 -9.19 -24.97
CA PRO A 424 13.87 -8.43 -26.14
C PRO A 424 12.37 -8.20 -26.03
N GLN A 425 11.93 -6.97 -26.31
CA GLN A 425 10.51 -6.65 -26.20
C GLN A 425 9.71 -7.58 -27.10
N SER A 426 8.41 -7.70 -26.80
CA SER A 426 7.45 -8.48 -27.61
C SER A 426 7.57 -9.98 -27.54
N ALA A 427 8.59 -10.49 -26.84
CA ALA A 427 8.83 -11.94 -26.68
C ALA A 427 8.72 -12.40 -25.22
N PRO A 428 7.52 -12.82 -24.81
CA PRO A 428 7.28 -13.30 -23.45
C PRO A 428 7.54 -14.76 -23.33
N LEU A 429 8.32 -15.18 -22.34
CA LEU A 429 8.68 -16.60 -22.22
C LEU A 429 7.71 -17.35 -21.40
N THR A 430 7.44 -18.60 -21.75
CA THR A 430 6.58 -19.44 -20.95
C THR A 430 7.22 -19.68 -19.57
N VAL A 431 6.54 -20.42 -18.70
CA VAL A 431 7.12 -20.65 -17.39
C VAL A 431 8.25 -21.65 -17.51
N GLU A 432 8.05 -22.70 -18.32
CA GLU A 432 9.09 -23.72 -18.56
C GLU A 432 10.30 -22.95 -19.03
N GLU A 433 10.14 -22.30 -20.17
CA GLU A 433 11.18 -21.49 -20.75
C GLU A 433 11.77 -20.57 -19.69
N GLN A 434 10.97 -20.22 -18.70
CA GLN A 434 11.44 -19.34 -17.65
C GLN A 434 12.39 -20.07 -16.67
N VAL A 435 12.00 -21.26 -16.24
CA VAL A 435 12.79 -22.02 -15.26
C VAL A 435 14.02 -22.66 -15.84
N MET A 436 13.87 -23.27 -17.02
CA MET A 436 15.01 -23.93 -17.67
C MET A 436 16.16 -22.93 -17.86
N THR A 437 15.81 -21.74 -18.34
CA THR A 437 16.80 -20.72 -18.61
C THR A 437 17.56 -20.29 -17.35
N ILE A 438 16.83 -19.96 -16.29
CA ILE A 438 17.48 -19.53 -15.06
C ILE A 438 18.44 -20.61 -14.65
N TYR A 439 17.98 -21.88 -14.80
CA TYR A 439 18.76 -23.09 -14.44
C TYR A 439 20.21 -23.10 -15.04
N THR A 440 20.34 -22.77 -16.31
CA THR A 440 21.62 -22.76 -16.96
C THR A 440 22.57 -21.94 -16.12
N GLY A 441 22.44 -20.61 -16.10
CA GLY A 441 23.34 -19.71 -15.39
C GLY A 441 23.41 -19.93 -13.90
N THR A 442 22.26 -19.98 -13.25
CA THR A 442 22.17 -20.14 -11.78
C THR A 442 22.99 -21.35 -11.29
N ASN A 443 23.14 -22.35 -12.15
CA ASN A 443 23.84 -23.58 -11.80
C ASN A 443 25.29 -23.70 -12.29
N GLY A 444 25.91 -22.61 -12.70
CA GLY A 444 27.30 -22.66 -13.10
C GLY A 444 27.62 -23.07 -14.52
N TYR A 445 26.62 -23.12 -15.40
CA TYR A 445 26.84 -23.47 -16.81
C TYR A 445 27.36 -22.26 -17.60
N LEU A 446 26.66 -21.15 -17.53
CA LEU A 446 27.07 -19.95 -18.24
C LEU A 446 28.24 -19.24 -17.54
N ASP A 447 28.70 -19.83 -16.43
CA ASP A 447 29.79 -19.28 -15.62
C ASP A 447 30.98 -18.74 -16.42
N SER A 448 31.95 -19.60 -16.69
CA SER A 448 33.19 -19.24 -17.39
C SER A 448 33.02 -18.68 -18.82
N LEU A 449 31.85 -18.13 -19.13
CA LEU A 449 31.57 -17.58 -20.46
C LEU A 449 31.67 -16.04 -20.52
N GLU A 450 31.60 -15.49 -21.72
CA GLU A 450 31.73 -14.05 -21.89
C GLU A 450 30.36 -13.35 -21.98
N LEU A 451 30.13 -12.41 -21.07
CA LEU A 451 28.89 -11.65 -21.01
C LEU A 451 28.43 -11.13 -22.36
N ASP A 452 29.30 -10.45 -23.08
CA ASP A 452 28.93 -9.91 -24.39
C ASP A 452 28.64 -11.05 -25.37
N GLN A 453 28.07 -12.15 -24.88
CA GLN A 453 27.79 -13.29 -25.72
C GLN A 453 26.57 -14.07 -25.25
N VAL A 454 26.44 -14.22 -23.94
CA VAL A 454 25.34 -14.97 -23.29
C VAL A 454 23.91 -14.78 -23.83
N ARG A 455 23.58 -13.58 -24.28
CA ARG A 455 22.25 -13.31 -24.83
C ARG A 455 21.85 -14.34 -25.88
N LYS A 456 22.67 -14.50 -26.91
CA LYS A 456 22.40 -15.45 -28.01
C LYS A 456 22.42 -16.91 -27.54
N TYR A 457 23.10 -17.16 -26.42
CA TYR A 457 23.17 -18.50 -25.85
C TYR A 457 21.76 -19.00 -25.54
N LEU A 458 21.04 -18.24 -24.72
CA LEU A 458 19.67 -18.59 -24.32
C LEU A 458 18.76 -18.68 -25.54
N VAL A 459 18.77 -17.63 -26.34
CA VAL A 459 17.97 -17.57 -27.55
C VAL A 459 18.14 -18.86 -28.32
N GLU A 460 19.41 -19.23 -28.54
CA GLU A 460 19.76 -20.46 -29.28
C GLU A 460 19.35 -21.73 -28.51
N LEU A 461 19.75 -21.80 -27.26
CA LEU A 461 19.44 -22.95 -26.42
C LEU A 461 17.95 -23.18 -26.29
N ARG A 462 17.19 -22.13 -26.04
CA ARG A 462 15.73 -22.26 -25.88
C ARG A 462 15.09 -22.98 -27.07
N THR A 463 15.20 -22.38 -28.25
CA THR A 463 14.66 -22.96 -29.45
C THR A 463 15.19 -24.38 -29.64
N TYR A 464 16.44 -24.59 -29.26
CA TYR A 464 17.06 -25.90 -29.35
C TYR A 464 16.28 -26.95 -28.52
N VAL A 465 15.85 -26.54 -27.33
CA VAL A 465 15.13 -27.44 -26.42
C VAL A 465 13.67 -27.58 -26.86
N LYS A 466 13.11 -26.49 -27.39
CA LYS A 466 11.73 -26.45 -27.85
C LYS A 466 11.56 -27.34 -29.05
N THR A 467 12.62 -27.47 -29.85
CA THR A 467 12.58 -28.28 -31.06
C THR A 467 12.91 -29.74 -30.78
N ASN A 468 14.17 -29.98 -30.40
CA ASN A 468 14.67 -31.33 -30.16
C ASN A 468 14.19 -31.94 -28.85
N LYS A 469 13.96 -31.10 -27.83
CA LYS A 469 13.57 -31.61 -26.51
C LYS A 469 12.23 -31.14 -25.92
N PRO A 470 11.23 -30.86 -26.76
CA PRO A 470 9.93 -30.44 -26.22
C PRO A 470 9.29 -31.55 -25.39
N GLU A 471 9.96 -32.70 -25.31
CA GLU A 471 9.47 -33.83 -24.52
C GLU A 471 9.72 -33.55 -23.03
N PHE A 472 10.83 -32.88 -22.75
CA PHE A 472 11.20 -32.55 -21.37
C PHE A 472 10.45 -31.32 -20.89
N GLN A 473 10.24 -30.37 -21.80
CA GLN A 473 9.55 -29.13 -21.47
C GLN A 473 8.15 -29.37 -20.91
N GLU A 474 7.45 -30.33 -21.48
CA GLU A 474 6.10 -30.69 -21.01
C GLU A 474 6.16 -31.51 -19.73
N ILE A 475 7.33 -32.08 -19.44
CA ILE A 475 7.52 -32.85 -18.23
C ILE A 475 7.64 -31.85 -17.08
N ILE A 476 8.34 -30.76 -17.37
CA ILE A 476 8.62 -29.67 -16.43
C ILE A 476 7.36 -29.05 -15.83
N SER A 477 6.52 -28.49 -16.70
CA SER A 477 5.29 -27.82 -16.31
C SER A 477 4.29 -28.68 -15.54
N SER A 478 3.81 -29.77 -16.16
CA SER A 478 2.85 -30.69 -15.55
C SER A 478 3.28 -31.11 -14.14
N THR A 479 4.48 -31.68 -14.05
CA THR A 479 5.05 -32.06 -12.76
C THR A 479 5.20 -30.80 -11.90
N LYS A 480 5.26 -29.65 -12.58
CA LYS A 480 5.38 -28.37 -11.93
C LYS A 480 6.69 -28.17 -11.18
N THR A 481 7.59 -29.17 -11.28
CA THR A 481 8.88 -29.12 -10.61
C THR A 481 9.89 -29.99 -11.30
N PHE A 482 11.17 -29.66 -11.11
CA PHE A 482 12.29 -30.40 -11.71
C PHE A 482 12.68 -31.65 -10.92
N THR A 483 12.33 -32.81 -11.45
CA THR A 483 12.66 -34.08 -10.80
C THR A 483 14.16 -34.36 -10.90
N GLU A 484 14.67 -35.24 -10.04
CA GLU A 484 16.09 -35.58 -10.03
C GLU A 484 16.54 -36.08 -11.40
N GLU A 485 15.57 -36.50 -12.21
CA GLU A 485 15.83 -37.02 -13.55
C GLU A 485 16.08 -35.89 -14.53
N ALA A 486 15.01 -35.15 -14.84
CA ALA A 486 15.07 -34.03 -15.77
C ALA A 486 16.24 -33.08 -15.47
N GLU A 487 16.68 -33.07 -14.20
CA GLU A 487 17.81 -32.26 -13.79
C GLU A 487 19.03 -32.81 -14.50
N ALA A 488 19.34 -34.07 -14.21
CA ALA A 488 20.45 -34.73 -14.84
C ALA A 488 20.23 -34.61 -16.33
N LEU A 489 18.97 -34.78 -16.73
CA LEU A 489 18.57 -34.70 -18.13
C LEU A 489 18.64 -33.28 -18.69
N LEU A 490 18.78 -32.30 -17.79
CA LEU A 490 18.94 -30.92 -18.23
C LEU A 490 20.44 -30.69 -18.29
N LYS A 491 21.12 -31.28 -17.31
CA LYS A 491 22.54 -31.20 -17.17
C LYS A 491 23.21 -31.67 -18.47
N GLU A 492 22.76 -32.80 -19.00
CA GLU A 492 23.31 -33.34 -20.25
C GLU A 492 22.99 -32.39 -21.40
N ALA A 493 21.85 -31.73 -21.25
CA ALA A 493 21.36 -30.79 -22.25
C ALA A 493 22.23 -29.54 -22.34
N ILE A 494 22.22 -28.73 -21.30
CA ILE A 494 23.00 -27.51 -21.31
C ILE A 494 24.50 -27.69 -21.51
N GLN A 495 25.11 -28.58 -20.71
CA GLN A 495 26.57 -28.81 -20.79
C GLN A 495 27.04 -29.03 -22.22
N GLU A 496 26.35 -29.93 -22.93
CA GLU A 496 26.70 -30.25 -24.32
C GLU A 496 26.29 -29.14 -25.27
N GLN A 497 25.26 -28.39 -24.90
CA GLN A 497 24.74 -27.28 -25.71
C GLN A 497 25.66 -26.06 -25.66
N MET A 498 26.19 -25.74 -24.48
CA MET A 498 27.11 -24.64 -24.34
C MET A 498 28.31 -25.00 -25.20
N GLU A 499 28.51 -26.31 -25.31
CA GLU A 499 29.59 -26.90 -26.07
C GLU A 499 29.32 -26.77 -27.57
N ARG A 500 28.23 -26.10 -27.92
CA ARG A 500 27.90 -25.88 -29.31
C ARG A 500 27.95 -24.37 -29.59
N PHE A 501 28.83 -23.67 -28.88
CA PHE A 501 28.97 -22.22 -29.02
C PHE A 501 30.40 -21.82 -29.36
N ASN B 19 -33.20 15.26 15.94
CA ASN B 19 -33.92 16.42 15.35
C ASN B 19 -34.09 16.22 13.84
N LEU B 20 -34.72 17.20 13.16
CA LEU B 20 -34.88 17.12 11.69
C LEU B 20 -34.56 18.35 10.82
N GLY B 21 -33.40 18.31 10.20
CA GLY B 21 -33.00 19.32 9.26
C GLY B 21 -32.93 18.74 7.85
N ARG B 22 -32.63 19.58 6.85
CA ARG B 22 -32.47 19.13 5.50
C ARG B 22 -31.06 19.31 4.89
N ILE B 23 -30.58 18.40 4.07
CA ILE B 23 -29.25 18.55 3.56
C ILE B 23 -29.27 19.82 2.87
N ALA B 24 -28.27 20.65 2.98
CA ALA B 24 -28.34 21.92 2.20
C ALA B 24 -27.32 22.04 1.06
N GLN B 25 -26.11 21.50 1.24
CA GLN B 25 -25.07 21.44 0.21
C GLN B 25 -24.36 20.16 0.37
N ILE B 26 -24.06 19.45 -0.73
CA ILE B 26 -23.26 18.23 -0.59
C ILE B 26 -21.99 18.48 -1.35
N ILE B 27 -20.83 18.85 -0.75
CA ILE B 27 -19.65 19.08 -1.57
C ILE B 27 -18.61 18.06 -1.23
N GLY B 28 -18.76 16.86 -1.81
CA GLY B 28 -17.86 15.73 -1.49
C GLY B 28 -18.24 15.18 -0.15
N PRO B 29 -17.35 14.65 0.61
CA PRO B 29 -17.69 14.15 1.90
C PRO B 29 -17.92 15.18 2.95
N VAL B 30 -18.58 16.27 2.63
CA VAL B 30 -18.93 17.31 3.59
C VAL B 30 -20.42 17.74 3.44
N LEU B 31 -21.17 17.71 4.51
CA LEU B 31 -22.60 18.07 4.49
C LEU B 31 -22.89 19.36 5.26
N ASN B 32 -23.63 20.24 4.65
CA ASN B 32 -24.00 21.46 5.26
C ASN B 32 -25.44 21.22 5.46
N VAL B 33 -25.81 20.95 6.70
CA VAL B 33 -27.18 20.66 7.11
C VAL B 33 -27.81 21.90 7.69
N ALA B 34 -29.12 22.07 7.47
CA ALA B 34 -29.84 23.22 7.96
C ALA B 34 -30.96 22.80 8.72
N PHE B 35 -30.92 23.03 10.05
CA PHE B 35 -31.98 22.67 11.05
C PHE B 35 -32.90 23.80 11.36
N PRO B 36 -33.81 23.74 12.31
CA PRO B 36 -34.59 24.95 12.57
C PRO B 36 -33.83 25.82 13.54
N PRO B 37 -34.06 27.12 13.60
CA PRO B 37 -33.28 28.04 14.42
C PRO B 37 -33.14 27.60 15.89
N GLY B 38 -34.06 26.72 16.31
CA GLY B 38 -34.00 26.14 17.64
C GLY B 38 -33.03 24.96 17.79
N LYS B 39 -33.28 23.93 16.98
CA LYS B 39 -32.44 22.72 16.99
C LYS B 39 -31.03 23.07 16.53
N MET B 40 -30.04 22.67 17.29
CA MET B 40 -28.68 22.96 16.91
C MET B 40 -27.79 21.79 17.31
N PRO B 41 -27.50 20.89 16.43
CA PRO B 41 -26.72 19.77 16.86
C PRO B 41 -25.46 20.31 17.42
N ASN B 42 -25.19 20.04 18.66
CA ASN B 42 -23.97 20.45 19.32
C ASN B 42 -22.76 19.99 18.53
N ILE B 43 -21.61 20.64 18.72
CA ILE B 43 -20.40 20.28 17.90
C ILE B 43 -19.97 18.91 18.17
N TYR B 44 -19.51 18.16 17.20
CA TYR B 44 -19.12 16.74 17.36
C TYR B 44 -20.30 15.73 17.52
N ASN B 45 -21.52 16.21 17.72
CA ASN B 45 -22.76 15.40 17.77
C ASN B 45 -23.07 14.76 16.46
N ALA B 46 -23.12 13.46 16.39
CA ALA B 46 -23.30 12.81 15.10
C ALA B 46 -24.73 12.81 14.68
N LEU B 47 -24.88 13.11 13.36
CA LEU B 47 -26.18 13.24 12.66
C LEU B 47 -26.34 12.01 11.89
N ILE B 48 -27.46 11.74 11.30
CA ILE B 48 -27.50 10.55 10.44
C ILE B 48 -28.41 10.85 9.24
N VAL B 49 -28.01 10.49 8.00
CA VAL B 49 -28.87 10.90 6.84
C VAL B 49 -29.73 9.75 6.17
N LYS B 50 -30.96 10.02 5.82
CA LYS B 50 -31.85 9.11 5.26
C LYS B 50 -31.79 8.49 3.82
N GLY B 51 -31.31 9.15 2.80
CA GLY B 51 -31.42 8.41 1.54
C GLY B 51 -30.09 8.32 0.86
N ARG B 52 -29.83 7.26 0.06
CA ARG B 52 -28.49 7.14 -0.60
C ARG B 52 -28.34 6.32 -1.93
N ASP B 53 -27.85 5.09 -1.83
CA ASP B 53 -27.54 4.27 -3.00
C ASP B 53 -28.70 3.75 -3.86
N THR B 54 -28.31 3.31 -5.05
CA THR B 54 -29.15 2.79 -6.13
C THR B 54 -30.35 2.00 -5.75
N ALA B 55 -31.51 2.61 -5.76
CA ALA B 55 -32.76 1.94 -5.46
C ALA B 55 -32.69 1.07 -4.21
N GLY B 56 -33.11 1.66 -3.07
CA GLY B 56 -33.08 0.97 -1.79
C GLY B 56 -32.62 1.99 -0.76
N GLN B 57 -33.23 1.98 0.43
CA GLN B 57 -32.95 2.98 1.45
C GLN B 57 -32.09 2.57 2.64
N PRO B 58 -30.79 2.84 2.59
CA PRO B 58 -29.89 2.62 3.69
C PRO B 58 -29.81 3.89 4.51
N MET B 59 -29.03 3.83 5.60
CA MET B 59 -28.85 4.93 6.52
C MET B 59 -27.41 5.03 6.96
N ASN B 60 -26.53 4.25 6.32
CA ASN B 60 -25.08 4.22 6.59
C ASN B 60 -24.46 5.63 6.62
N VAL B 61 -25.10 6.54 5.86
CA VAL B 61 -24.67 7.90 5.81
C VAL B 61 -24.85 8.56 7.18
N THR B 62 -23.79 8.42 7.99
CA THR B 62 -23.72 9.03 9.32
C THR B 62 -22.59 10.01 9.27
N CYS B 63 -22.82 11.24 9.73
CA CYS B 63 -21.82 12.33 9.76
C CYS B 63 -21.61 12.76 11.16
N GLU B 64 -20.74 13.73 11.31
CA GLU B 64 -20.40 14.27 12.65
C GLU B 64 -20.32 15.82 12.67
N VAL B 65 -21.31 16.52 13.22
CA VAL B 65 -21.29 17.99 13.18
C VAL B 65 -19.89 18.57 13.45
N GLN B 66 -19.39 19.50 12.69
CA GLN B 66 -18.06 20.05 13.00
C GLN B 66 -18.00 21.63 13.03
N GLN B 67 -19.09 22.27 12.65
CA GLN B 67 -19.17 23.66 12.66
C GLN B 67 -20.64 24.08 12.74
N LEU B 68 -20.87 25.28 13.29
CA LEU B 68 -22.18 25.89 13.29
C LEU B 68 -21.90 27.08 12.36
N LEU B 69 -21.72 26.82 11.07
CA LEU B 69 -21.59 27.92 10.15
C LEU B 69 -22.35 29.22 10.61
N GLY B 70 -23.58 29.00 11.14
CA GLY B 70 -24.48 30.02 11.59
C GLY B 70 -25.39 30.11 10.41
N ASN B 71 -26.49 30.80 10.62
CA ASN B 71 -27.57 30.97 9.66
C ASN B 71 -28.41 29.69 9.71
N ASN B 72 -28.62 29.16 10.90
CA ASN B 72 -29.29 27.94 11.08
C ASN B 72 -28.66 26.94 10.15
N ARG B 73 -27.44 26.50 10.40
CA ARG B 73 -26.79 25.60 9.49
C ARG B 73 -25.45 25.06 9.97
N VAL B 74 -25.46 23.80 10.38
CA VAL B 74 -24.19 23.15 10.82
C VAL B 74 -23.58 22.49 9.62
N ARG B 75 -22.28 22.29 9.59
CA ARG B 75 -21.62 21.63 8.48
C ARG B 75 -21.26 20.38 9.06
N ALA B 76 -20.87 19.34 8.28
CA ALA B 76 -20.57 17.98 8.91
C ALA B 76 -19.85 17.02 8.02
N VAL B 77 -18.97 16.15 8.53
CA VAL B 77 -18.28 15.27 7.62
C VAL B 77 -18.93 13.87 7.69
N ALA B 78 -19.17 13.22 6.54
CA ALA B 78 -19.83 11.93 6.54
C ALA B 78 -18.74 10.91 6.76
N MET B 79 -19.17 9.73 7.21
CA MET B 79 -18.30 8.60 7.52
C MET B 79 -18.47 7.61 6.36
N SER B 80 -19.50 7.79 5.60
CA SER B 80 -19.80 6.93 4.48
C SER B 80 -19.78 7.71 3.15
N ALA B 81 -19.92 7.10 2.00
CA ALA B 81 -19.88 7.90 0.71
C ALA B 81 -21.17 8.65 0.40
N THR B 82 -21.08 9.94 0.06
CA THR B 82 -22.30 10.79 -0.12
C THR B 82 -22.97 10.61 -1.47
N ASP B 83 -22.36 9.80 -2.31
CA ASP B 83 -22.81 9.61 -3.70
C ASP B 83 -24.17 9.17 -3.73
N GLY B 84 -24.98 9.92 -4.39
CA GLY B 84 -26.39 9.57 -4.48
C GLY B 84 -27.28 10.30 -3.55
N LEU B 85 -26.69 10.98 -2.59
CA LEU B 85 -27.47 11.74 -1.64
C LEU B 85 -28.13 12.92 -2.44
N THR B 86 -29.07 13.62 -1.81
CA THR B 86 -29.77 14.70 -2.39
C THR B 86 -29.95 15.84 -1.42
N ARG B 87 -30.26 17.02 -1.92
CA ARG B 87 -30.54 18.14 -1.05
C ARG B 87 -31.97 18.01 -0.56
N GLY B 88 -32.16 18.33 0.68
CA GLY B 88 -33.49 18.32 1.24
C GLY B 88 -33.72 17.06 2.00
N MET B 89 -32.79 16.16 1.84
CA MET B 89 -32.97 14.90 2.53
C MET B 89 -32.93 15.22 4.05
N GLU B 90 -33.90 14.72 4.76
CA GLU B 90 -33.94 14.85 6.17
C GLU B 90 -32.72 14.27 6.83
N VAL B 91 -32.07 15.06 7.67
CA VAL B 91 -30.92 14.66 8.49
C VAL B 91 -31.54 14.60 9.77
N ILE B 92 -30.86 14.00 10.70
CA ILE B 92 -31.43 13.82 12.06
C ILE B 92 -30.34 13.92 13.14
N ASP B 93 -30.65 14.70 14.18
CA ASP B 93 -29.71 14.91 15.27
C ASP B 93 -29.94 13.83 16.29
N THR B 94 -29.09 12.82 16.27
CA THR B 94 -29.22 11.72 17.15
C THR B 94 -29.34 12.21 18.58
N GLY B 95 -28.71 13.33 18.87
CA GLY B 95 -28.79 13.86 20.21
C GLY B 95 -27.53 13.64 21.01
N ALA B 96 -26.45 13.20 20.38
CA ALA B 96 -25.19 13.09 21.13
C ALA B 96 -24.20 12.68 20.22
N PRO B 97 -22.97 12.47 20.55
CA PRO B 97 -21.91 12.00 19.62
C PRO B 97 -21.99 10.55 19.11
N LEU B 98 -21.26 10.29 18.02
CA LEU B 98 -21.29 8.95 17.39
C LEU B 98 -20.87 7.90 18.37
N SER B 99 -21.79 6.99 18.68
CA SER B 99 -21.56 5.91 19.73
C SER B 99 -21.23 4.48 19.26
N VAL B 100 -20.06 4.04 19.52
CA VAL B 100 -19.69 2.75 19.16
C VAL B 100 -20.08 1.85 20.34
N PRO B 101 -20.49 0.58 20.05
CA PRO B 101 -20.77 -0.38 21.12
C PRO B 101 -19.46 -1.02 21.58
N VAL B 102 -19.24 -0.99 22.88
CA VAL B 102 -18.04 -1.54 23.45
C VAL B 102 -18.40 -2.60 24.45
N GLY B 103 -17.33 -3.18 24.99
CA GLY B 103 -17.40 -4.23 26.00
C GLY B 103 -16.81 -5.52 25.52
N GLY B 104 -17.04 -6.60 26.28
CA GLY B 104 -16.51 -7.91 25.94
C GLY B 104 -16.99 -8.39 24.61
N PRO B 105 -18.24 -8.05 24.26
CA PRO B 105 -18.82 -8.43 22.96
C PRO B 105 -18.37 -7.61 21.78
N THR B 106 -17.07 -7.56 21.58
CA THR B 106 -16.47 -6.85 20.47
C THR B 106 -15.22 -7.57 20.08
N LEU B 107 -14.78 -8.47 20.99
CA LEU B 107 -13.61 -9.30 20.77
C LEU B 107 -13.94 -10.37 19.69
N GLY B 108 -12.93 -10.66 18.86
CA GLY B 108 -13.11 -11.62 17.81
C GLY B 108 -13.94 -11.09 16.70
N ARG B 109 -14.17 -9.81 16.65
CA ARG B 109 -14.96 -9.27 15.53
C ARG B 109 -14.29 -8.10 14.80
N ILE B 110 -14.65 -7.91 13.55
CA ILE B 110 -14.07 -6.86 12.78
C ILE B 110 -15.10 -5.71 12.76
N PHE B 111 -14.68 -4.54 13.26
CA PHE B 111 -15.62 -3.40 13.33
C PHE B 111 -15.50 -2.23 12.28
N ASN B 112 -16.63 -1.57 12.04
CA ASN B 112 -16.78 -0.44 11.15
C ASN B 112 -16.41 0.78 11.93
N VAL B 113 -16.29 1.87 11.23
CA VAL B 113 -15.92 3.12 11.89
C VAL B 113 -17.11 3.50 12.69
N LEU B 114 -18.26 2.86 12.40
CA LEU B 114 -19.54 3.19 13.08
C LEU B 114 -19.90 2.15 14.12
N GLY B 115 -19.01 1.18 14.27
CA GLY B 115 -19.21 0.06 15.22
C GLY B 115 -20.09 -1.07 14.74
N GLU B 116 -20.36 -1.11 13.46
CA GLU B 116 -21.21 -2.11 12.85
C GLU B 116 -20.34 -3.32 12.56
N PRO B 117 -20.84 -4.55 12.74
CA PRO B 117 -19.97 -5.68 12.50
C PRO B 117 -19.72 -5.81 11.02
N VAL B 118 -18.44 -5.98 10.66
CA VAL B 118 -18.00 -6.14 9.29
C VAL B 118 -17.28 -7.48 9.10
N ASP B 119 -17.69 -8.50 9.88
CA ASP B 119 -17.06 -9.86 9.83
C ASP B 119 -18.08 -10.93 9.52
N ASN B 120 -19.27 -10.55 9.14
CA ASN B 120 -20.36 -11.51 8.84
C ASN B 120 -20.46 -12.64 9.85
N LEU B 121 -20.79 -12.31 11.07
CA LEU B 121 -20.88 -13.26 12.14
C LEU B 121 -22.09 -12.92 12.93
N ARG B 122 -23.13 -12.27 12.31
CA ARG B 122 -24.35 -11.88 13.00
C ARG B 122 -24.18 -10.48 13.62
N PRO B 123 -25.20 -9.94 14.30
CA PRO B 123 -24.99 -8.63 14.90
C PRO B 123 -24.10 -8.69 16.09
N VAL B 124 -23.90 -7.56 16.76
CA VAL B 124 -23.05 -7.53 17.94
C VAL B 124 -23.95 -7.42 19.16
N ASP B 125 -23.84 -8.39 20.08
CA ASP B 125 -24.66 -8.40 21.27
C ASP B 125 -23.92 -7.74 22.41
N THR B 126 -23.74 -6.42 22.33
CA THR B 126 -23.07 -5.65 23.40
C THR B 126 -24.01 -5.20 24.53
N ARG B 127 -23.42 -4.87 25.64
CA ARG B 127 -24.20 -4.41 26.81
C ARG B 127 -24.50 -2.91 26.74
N THR B 128 -23.51 -2.12 26.33
CA THR B 128 -23.69 -0.69 26.20
C THR B 128 -22.79 -0.01 25.17
N THR B 129 -23.28 1.09 24.58
CA THR B 129 -22.52 1.77 23.57
C THR B 129 -21.51 2.61 24.30
N SER B 130 -20.91 3.61 23.63
CA SER B 130 -19.90 4.55 24.23
C SER B 130 -19.38 5.55 23.19
N PRO B 131 -19.39 6.85 23.53
CA PRO B 131 -18.96 7.93 22.65
C PRO B 131 -17.47 7.94 22.35
N ILE B 132 -17.08 7.93 21.06
CA ILE B 132 -15.69 7.90 20.73
C ILE B 132 -15.08 9.25 21.25
N HIS B 133 -15.94 10.12 21.73
CA HIS B 133 -15.50 11.44 22.20
C HIS B 133 -15.44 11.61 23.79
N ARG B 134 -14.33 11.14 24.34
CA ARG B 134 -14.17 11.14 25.80
C ARG B 134 -12.92 11.93 26.24
N SER B 135 -13.18 12.80 27.21
CA SER B 135 -12.24 13.67 27.79
C SER B 135 -11.19 12.87 28.52
N ALA B 136 -9.98 12.93 28.02
CA ALA B 136 -8.86 12.15 28.53
C ALA B 136 -8.81 12.13 30.09
N PRO B 137 -7.98 11.27 30.67
CA PRO B 137 -7.91 11.18 32.12
C PRO B 137 -7.39 12.50 32.68
N ALA B 138 -7.81 12.82 33.91
CA ALA B 138 -7.33 14.02 34.57
C ALA B 138 -5.83 13.94 34.93
N PHE B 139 -5.35 14.96 35.60
CA PHE B 139 -3.94 14.98 36.00
C PHE B 139 -3.63 14.06 37.18
N THR B 140 -4.65 13.74 37.98
CA THR B 140 -4.48 12.85 39.12
C THR B 140 -4.96 11.40 38.89
N GLN B 141 -5.06 10.99 37.65
CA GLN B 141 -5.47 9.64 37.32
C GLN B 141 -4.30 9.00 36.59
N LEU B 142 -3.17 9.71 36.55
CA LEU B 142 -1.97 9.27 35.85
C LEU B 142 -1.05 8.43 36.73
N ASP B 143 0.11 8.02 36.20
CA ASP B 143 1.07 7.22 36.96
C ASP B 143 2.49 7.39 36.45
N THR B 144 3.47 6.93 37.22
CA THR B 144 4.88 7.04 36.84
C THR B 144 5.66 5.71 36.80
N LYS B 145 4.98 4.61 37.10
CA LYS B 145 5.61 3.31 37.08
C LYS B 145 6.17 3.13 35.69
N LEU B 146 7.37 2.57 35.61
CA LEU B 146 8.04 2.36 34.33
C LEU B 146 8.54 0.93 34.18
N SER B 147 7.70 0.02 33.70
CA SER B 147 8.12 -1.38 33.52
C SER B 147 8.68 -1.62 32.13
N ILE B 148 9.49 -2.66 31.94
CA ILE B 148 10.01 -2.93 30.61
C ILE B 148 8.99 -3.73 29.82
N PHE B 149 9.26 -3.94 28.53
CA PHE B 149 8.38 -4.70 27.67
C PHE B 149 9.25 -5.47 26.67
N GLU B 150 9.82 -6.59 27.11
CA GLU B 150 10.66 -7.39 26.24
C GLU B 150 9.90 -7.73 24.96
N THR B 151 10.46 -7.31 23.82
CA THR B 151 9.86 -7.60 22.53
C THR B 151 10.46 -8.88 21.95
N GLY B 152 11.77 -8.87 21.73
CA GLY B 152 12.46 -10.01 21.18
C GLY B 152 13.25 -9.68 19.93
N ILE B 153 13.74 -8.44 19.86
CA ILE B 153 14.53 -8.00 18.71
C ILE B 153 15.79 -7.35 19.26
N LYS B 154 16.94 -7.70 18.67
CA LYS B 154 18.24 -7.23 19.12
C LYS B 154 18.50 -5.71 18.93
N VAL B 155 17.44 -4.93 18.80
CA VAL B 155 17.62 -3.48 18.65
C VAL B 155 16.72 -2.67 19.54
N VAL B 156 15.55 -3.22 19.85
CA VAL B 156 14.60 -2.51 20.73
C VAL B 156 15.02 -2.60 22.19
N ASN B 157 14.62 -3.69 22.84
CA ASN B 157 14.93 -3.95 24.23
C ASN B 157 16.35 -3.56 24.65
N LEU B 158 17.22 -3.25 23.69
CA LEU B 158 18.60 -2.92 24.00
C LEU B 158 18.93 -1.46 23.78
N LEU B 159 18.43 -0.87 22.71
CA LEU B 159 18.75 0.53 22.44
C LEU B 159 17.58 1.51 22.60
N ALA B 160 16.42 1.02 23.04
CA ALA B 160 15.25 1.84 23.22
C ALA B 160 14.14 0.96 23.67
N PRO B 161 14.04 0.67 24.96
CA PRO B 161 13.02 -0.26 25.52
C PRO B 161 11.60 0.20 25.49
N TYR B 162 10.66 -0.67 25.81
CA TYR B 162 9.20 -0.36 25.76
C TYR B 162 8.55 -0.17 27.11
N ARG B 163 8.24 1.08 27.49
CA ARG B 163 7.62 1.37 28.78
C ARG B 163 6.17 0.96 28.81
N ARG B 164 5.83 -0.03 29.61
CA ARG B 164 4.46 -0.47 29.71
C ARG B 164 3.60 0.72 30.16
N GLY B 165 2.49 0.93 29.43
CA GLY B 165 1.53 2.00 29.68
C GLY B 165 1.86 3.13 28.75
N GLY B 166 3.12 3.14 28.39
CA GLY B 166 3.66 4.21 27.58
C GLY B 166 3.25 3.92 26.16
N LYS B 167 3.64 4.82 25.26
CA LYS B 167 3.21 4.71 23.91
C LYS B 167 4.42 4.58 22.99
N ILE B 168 4.40 3.58 22.10
CA ILE B 168 5.52 3.38 21.18
C ILE B 168 5.30 4.04 19.81
N GLY B 169 6.31 4.71 19.28
CA GLY B 169 6.20 5.39 18.02
C GLY B 169 7.06 4.70 17.03
N LEU B 170 6.49 3.86 16.18
CA LEU B 170 7.25 3.13 15.17
C LEU B 170 7.25 3.90 13.88
N PHE B 171 8.27 4.74 13.70
CA PHE B 171 8.36 5.63 12.53
C PHE B 171 9.09 5.06 11.33
N GLY B 172 8.79 5.61 10.16
CA GLY B 172 9.44 5.25 8.89
C GLY B 172 8.74 5.72 7.65
N GLY B 173 9.42 5.67 6.55
CA GLY B 173 8.82 6.01 5.25
C GLY B 173 8.09 4.86 4.52
N ALA B 174 7.62 5.15 3.33
CA ALA B 174 6.89 4.15 2.53
C ALA B 174 7.66 2.86 2.35
N GLY B 175 7.19 1.80 3.02
CA GLY B 175 7.80 0.48 2.92
C GLY B 175 9.17 0.41 3.59
N VAL B 176 9.19 0.09 4.86
CA VAL B 176 10.44 0.00 5.62
C VAL B 176 10.35 -1.13 6.64
N GLY B 177 9.19 -1.74 6.70
CA GLY B 177 8.96 -2.84 7.60
C GLY B 177 8.17 -2.42 8.81
N LYS B 178 7.38 -1.39 8.72
CA LYS B 178 6.60 -0.97 9.88
C LYS B 178 5.54 -1.99 10.28
N THR B 179 4.78 -2.45 9.30
CA THR B 179 3.72 -3.46 9.52
C THR B 179 4.32 -4.77 10.00
N VAL B 180 5.37 -5.24 9.33
CA VAL B 180 6.03 -6.46 9.69
C VAL B 180 6.45 -6.29 11.13
N LEU B 181 6.68 -5.02 11.49
CA LEU B 181 7.09 -4.65 12.84
C LEU B 181 5.90 -4.71 13.82
N ILE B 182 4.70 -4.38 13.34
CA ILE B 182 3.49 -4.46 14.20
C ILE B 182 2.96 -5.92 14.32
N MET B 183 3.40 -6.78 13.41
CA MET B 183 2.98 -8.18 13.40
C MET B 183 3.84 -8.97 14.38
N GLU B 184 5.17 -8.86 14.23
CA GLU B 184 6.11 -9.56 15.11
C GLU B 184 5.80 -9.23 16.55
N LEU B 185 5.28 -8.05 16.80
CA LEU B 185 4.92 -7.58 18.15
C LEU B 185 3.69 -8.28 18.66
N ILE B 186 2.76 -8.59 17.76
CA ILE B 186 1.55 -9.29 18.17
C ILE B 186 1.91 -10.75 18.45
N ASN B 187 2.95 -11.19 17.74
CA ASN B 187 3.46 -12.55 17.86
C ASN B 187 4.27 -12.66 19.13
N ASN B 188 5.34 -11.89 19.21
CA ASN B 188 6.20 -11.91 20.37
C ASN B 188 5.48 -11.42 21.64
N ILE B 189 4.50 -10.52 21.53
CA ILE B 189 3.85 -9.98 22.74
C ILE B 189 2.35 -10.20 22.90
N ALA B 190 1.59 -10.05 21.81
CA ALA B 190 0.11 -10.13 21.89
C ALA B 190 -0.47 -11.53 22.04
N LYS B 191 0.05 -12.50 21.27
CA LYS B 191 -0.46 -13.88 21.33
C LYS B 191 -0.17 -14.45 22.69
N ALA B 192 0.83 -13.88 23.36
CA ALA B 192 1.26 -14.30 24.68
C ALA B 192 0.92 -13.28 25.77
N HIS B 193 0.40 -12.12 25.38
CA HIS B 193 0.06 -11.09 26.35
C HIS B 193 -1.07 -11.59 27.23
N GLY B 194 -0.93 -11.37 28.53
CA GLY B 194 -1.94 -11.80 29.48
C GLY B 194 -2.95 -10.71 29.74
N GLY B 195 -3.63 -10.26 28.68
CA GLY B 195 -4.63 -9.22 28.79
C GLY B 195 -5.38 -9.05 27.48
N VAL B 196 -6.23 -8.03 27.37
CA VAL B 196 -6.97 -7.83 26.13
C VAL B 196 -6.14 -6.97 25.21
N SER B 197 -6.36 -7.11 23.90
CA SER B 197 -5.64 -6.27 22.93
C SER B 197 -6.61 -5.78 21.86
N VAL B 198 -6.27 -4.66 21.22
CA VAL B 198 -7.08 -4.11 20.13
C VAL B 198 -6.22 -3.57 19.00
N PHE B 199 -6.58 -3.85 17.75
CA PHE B 199 -5.83 -3.34 16.62
C PHE B 199 -6.71 -2.45 15.75
N GLY B 200 -6.28 -1.19 15.56
CA GLY B 200 -7.06 -0.25 14.78
C GLY B 200 -6.52 -0.24 13.39
N GLY B 201 -7.37 -0.10 12.38
CA GLY B 201 -7.02 -0.01 10.97
C GLY B 201 -7.21 1.44 10.47
N VAL B 202 -6.22 2.24 10.69
CA VAL B 202 -6.21 3.60 10.29
C VAL B 202 -5.55 3.72 8.95
N GLY B 203 -6.31 3.92 7.90
CA GLY B 203 -5.79 4.15 6.57
C GLY B 203 -4.77 3.22 5.97
N GLU B 204 -4.95 1.93 6.01
CA GLU B 204 -3.96 1.02 5.34
C GLU B 204 -4.61 0.01 4.40
N ARG B 205 -3.76 -0.79 3.76
CA ARG B 205 -4.23 -1.80 2.79
C ARG B 205 -5.17 -2.78 3.50
N THR B 206 -5.99 -3.45 2.66
CA THR B 206 -6.98 -4.42 3.14
C THR B 206 -6.31 -5.74 3.39
N ARG B 207 -5.42 -6.16 2.46
CA ARG B 207 -4.58 -7.36 2.60
C ARG B 207 -4.11 -7.44 4.02
N GLU B 208 -3.21 -6.57 4.39
CA GLU B 208 -2.74 -6.51 5.73
C GLU B 208 -3.82 -6.80 6.69
N GLY B 209 -5.09 -6.51 6.38
CA GLY B 209 -6.18 -6.80 7.31
C GLY B 209 -6.55 -8.26 7.18
N ASN B 210 -6.90 -8.65 5.97
CA ASN B 210 -7.22 -10.03 5.69
C ASN B 210 -6.17 -10.89 6.29
N ASP B 211 -4.89 -10.59 6.04
CA ASP B 211 -3.74 -11.31 6.59
C ASP B 211 -3.86 -11.40 8.10
N LEU B 212 -3.65 -10.28 8.79
CA LEU B 212 -3.60 -10.21 10.22
C LEU B 212 -4.79 -10.88 10.86
N TYR B 213 -5.82 -11.14 10.04
CA TYR B 213 -7.04 -11.83 10.54
C TYR B 213 -6.84 -13.29 10.40
N MET B 214 -6.81 -13.81 9.16
CA MET B 214 -6.58 -15.23 8.93
C MET B 214 -5.25 -15.73 9.59
N GLU B 215 -4.40 -14.82 10.05
CA GLU B 215 -3.21 -15.25 10.76
C GLU B 215 -3.54 -15.34 12.22
N MET B 216 -4.27 -14.38 12.76
CA MET B 216 -4.63 -14.39 14.19
C MET B 216 -5.67 -15.47 14.44
N LYS B 217 -6.20 -16.04 13.38
CA LYS B 217 -7.18 -17.11 13.52
C LYS B 217 -6.42 -18.45 13.74
N GLU B 218 -5.45 -18.74 12.88
CA GLU B 218 -4.69 -19.95 12.99
C GLU B 218 -4.10 -20.08 14.37
N SER B 219 -3.58 -18.99 14.90
CA SER B 219 -2.96 -19.05 16.24
C SER B 219 -4.05 -19.03 17.27
N GLY B 220 -5.29 -19.10 16.79
CA GLY B 220 -6.46 -19.08 17.66
C GLY B 220 -6.54 -17.88 18.61
N VAL B 221 -5.98 -16.75 18.21
CA VAL B 221 -6.08 -15.59 19.03
C VAL B 221 -7.50 -15.12 18.88
N ILE B 222 -8.21 -15.68 17.92
CA ILE B 222 -9.58 -15.32 17.68
C ILE B 222 -10.39 -16.53 18.10
N ASN B 223 -11.70 -16.53 17.80
CA ASN B 223 -12.58 -17.61 18.22
C ASN B 223 -12.58 -18.81 17.27
N GLU B 224 -11.87 -19.88 17.62
CA GLU B 224 -11.90 -21.10 16.81
C GLU B 224 -13.30 -21.68 16.85
N GLN B 225 -13.92 -21.52 18.01
CA GLN B 225 -15.29 -21.93 18.21
C GLN B 225 -15.85 -20.75 18.97
N ASN B 226 -17.17 -20.58 18.98
CA ASN B 226 -17.74 -19.44 19.71
C ASN B 226 -17.70 -19.62 21.23
N ILE B 227 -16.65 -20.26 21.71
CA ILE B 227 -16.48 -20.44 23.13
C ILE B 227 -15.99 -19.12 23.64
N ALA B 228 -15.71 -18.22 22.69
CA ALA B 228 -15.27 -16.83 22.93
C ALA B 228 -14.13 -16.69 23.94
N GLU B 229 -12.96 -17.23 23.61
CA GLU B 229 -11.81 -17.12 24.48
C GLU B 229 -10.86 -16.14 23.86
N SER B 230 -11.37 -15.29 22.97
CA SER B 230 -10.52 -14.28 22.29
C SER B 230 -10.01 -13.16 23.23
N LYS B 231 -8.89 -12.58 22.83
CA LYS B 231 -8.28 -11.50 23.61
C LYS B 231 -7.89 -10.30 22.68
N VAL B 232 -8.75 -10.14 21.66
CA VAL B 232 -8.57 -9.13 20.63
C VAL B 232 -9.92 -8.62 20.12
N ALA B 233 -9.91 -7.31 19.81
CA ALA B 233 -11.07 -6.60 19.24
C ALA B 233 -10.56 -5.84 18.08
N LEU B 234 -11.13 -6.05 16.90
CA LEU B 234 -10.67 -5.43 15.68
C LEU B 234 -11.67 -4.36 15.12
N VAL B 235 -11.11 -3.22 14.66
CA VAL B 235 -11.92 -2.18 14.01
C VAL B 235 -11.08 -1.75 12.82
N TYR B 236 -11.59 -1.99 11.61
CA TYR B 236 -10.88 -1.73 10.41
C TYR B 236 -11.59 -0.75 9.45
N GLY B 237 -10.91 0.40 9.25
CA GLY B 237 -11.30 1.44 8.31
C GLY B 237 -10.11 1.55 7.36
N GLN B 238 -10.08 0.86 6.30
CA GLN B 238 -8.93 0.93 5.48
C GLN B 238 -8.90 2.11 4.48
N MET B 239 -7.80 2.14 3.72
CA MET B 239 -7.54 3.10 2.68
C MET B 239 -8.82 3.49 2.03
N ASN B 240 -9.37 2.65 1.17
CA ASN B 240 -10.57 3.05 0.42
C ASN B 240 -11.66 4.01 1.12
N GLU B 241 -11.92 3.85 2.40
CA GLU B 241 -12.95 4.59 3.08
C GLU B 241 -12.79 6.04 2.80
N PRO B 242 -13.86 6.77 2.83
CA PRO B 242 -13.81 8.22 2.57
C PRO B 242 -12.95 8.83 3.63
N PRO B 243 -12.57 10.12 3.62
CA PRO B 243 -11.74 10.75 4.67
C PRO B 243 -12.38 10.83 6.09
N GLY B 244 -13.66 11.01 6.15
CA GLY B 244 -14.28 11.02 7.47
C GLY B 244 -14.42 9.63 8.21
N ALA B 245 -13.50 8.70 7.82
CA ALA B 245 -13.54 7.32 8.35
C ALA B 245 -12.22 7.04 8.98
N ARG B 246 -11.11 7.22 8.26
CA ARG B 246 -9.81 7.08 8.92
C ARG B 246 -9.43 8.25 9.95
N MET B 247 -10.30 9.25 10.01
CA MET B 247 -10.13 10.31 10.96
C MET B 247 -10.80 9.87 12.28
N ARG B 248 -11.46 8.75 12.28
CA ARG B 248 -12.15 8.34 13.48
C ARG B 248 -12.10 6.84 13.78
N VAL B 249 -11.62 5.97 12.90
CA VAL B 249 -11.55 4.57 13.23
C VAL B 249 -10.44 4.48 14.26
N GLY B 250 -9.57 5.48 14.28
CA GLY B 250 -8.51 5.42 15.25
C GLY B 250 -9.19 5.70 16.56
N LEU B 251 -10.35 6.35 16.52
CA LEU B 251 -11.06 6.64 17.75
C LEU B 251 -12.06 5.59 18.23
N THR B 252 -12.46 4.65 17.34
CA THR B 252 -13.36 3.52 17.66
C THR B 252 -12.49 2.50 18.32
N ALA B 253 -11.47 2.10 17.61
CA ALA B 253 -10.49 1.20 18.17
C ALA B 253 -10.11 1.64 19.62
N LEU B 254 -9.98 2.92 19.78
CA LEU B 254 -9.59 3.43 21.09
C LEU B 254 -10.71 3.54 22.20
N THR B 255 -11.94 3.75 21.72
CA THR B 255 -13.06 3.82 22.61
C THR B 255 -13.27 2.41 23.12
N MET B 256 -13.05 1.40 22.26
CA MET B 256 -13.18 -0.05 22.62
C MET B 256 -12.00 -0.42 23.54
N ALA B 257 -10.93 0.33 23.43
CA ALA B 257 -9.77 0.07 24.27
C ALA B 257 -9.85 0.83 25.62
N GLU B 258 -10.57 1.95 25.61
CA GLU B 258 -10.72 2.78 26.79
C GLU B 258 -11.81 2.19 27.71
N TYR B 259 -12.16 0.93 27.45
CA TYR B 259 -13.17 0.23 28.26
C TYR B 259 -12.44 -0.86 29.07
N PHE B 260 -11.67 -1.68 28.38
CA PHE B 260 -10.91 -2.70 29.02
C PHE B 260 -9.92 -2.06 29.99
N ARG B 261 -9.64 -0.79 29.81
CA ARG B 261 -8.68 -0.08 30.65
C ARG B 261 -9.26 0.36 31.96
N ASP B 262 -10.50 0.78 31.96
CA ASP B 262 -11.06 1.28 33.20
C ASP B 262 -12.27 0.48 33.70
N VAL B 263 -12.98 -0.19 32.81
CA VAL B 263 -14.13 -0.95 33.25
C VAL B 263 -13.78 -2.32 33.76
N ASN B 264 -12.82 -3.00 33.14
CA ASN B 264 -12.38 -4.35 33.53
C ASN B 264 -10.95 -4.25 34.04
N GLU B 265 -10.62 -3.06 34.53
CA GLU B 265 -9.33 -2.83 35.11
C GLU B 265 -8.27 -3.64 34.44
N GLN B 266 -8.44 -3.98 33.16
CA GLN B 266 -7.42 -4.78 32.39
C GLN B 266 -6.24 -4.02 31.81
N ASP B 267 -5.23 -4.73 31.39
CA ASP B 267 -4.06 -4.05 30.81
C ASP B 267 -4.11 -4.27 29.30
N VAL B 268 -4.58 -3.26 28.54
CA VAL B 268 -4.84 -3.43 27.12
C VAL B 268 -3.80 -2.89 26.21
N LEU B 269 -3.63 -3.48 25.04
CA LEU B 269 -2.64 -3.00 24.11
C LEU B 269 -3.40 -2.35 22.97
N LEU B 270 -2.80 -1.35 22.35
CA LEU B 270 -3.48 -0.61 21.27
C LEU B 270 -2.57 -0.57 20.06
N PHE B 271 -2.77 -1.51 19.14
CA PHE B 271 -1.96 -1.64 17.93
C PHE B 271 -2.57 -0.85 16.83
N ILE B 272 -2.05 0.32 16.52
CA ILE B 272 -2.55 1.14 15.41
C ILE B 272 -1.57 1.06 14.27
N ASP B 273 -1.97 0.31 13.22
CA ASP B 273 -1.15 0.18 12.03
C ASP B 273 -1.33 1.45 11.27
N ASN B 274 -0.34 2.36 11.49
CA ASN B 274 -0.22 3.73 10.94
C ASN B 274 -1.24 4.66 11.47
N ILE B 275 -0.78 5.59 12.31
CA ILE B 275 -1.71 6.61 12.90
C ILE B 275 -1.74 7.95 12.08
N PHE B 276 -0.82 7.99 11.10
CA PHE B 276 -0.58 9.11 10.20
C PHE B 276 -1.72 9.24 9.28
N ARG B 277 -2.19 8.05 8.77
CA ARG B 277 -3.33 7.92 7.87
C ARG B 277 -4.54 8.45 8.52
N PHE B 278 -4.34 8.80 9.82
CA PHE B 278 -5.34 9.41 10.68
C PHE B 278 -5.25 10.90 10.54
N VAL B 279 -4.05 11.43 10.36
CA VAL B 279 -3.82 12.88 10.19
C VAL B 279 -4.12 13.25 8.69
N GLN B 280 -3.47 12.47 7.82
CA GLN B 280 -3.62 12.64 6.37
C GLN B 280 -5.13 12.74 6.10
N ALA B 281 -5.88 11.92 6.83
CA ALA B 281 -7.31 11.84 6.69
C ALA B 281 -7.98 13.09 7.20
N GLY B 282 -7.32 13.79 8.13
CA GLY B 282 -7.90 15.03 8.66
C GLY B 282 -7.51 16.21 7.76
N SER B 283 -6.29 16.07 7.21
CA SER B 283 -5.73 17.01 6.22
C SER B 283 -6.80 17.33 5.24
N GLU B 284 -7.40 16.25 4.76
CA GLU B 284 -8.40 16.22 3.72
C GLU B 284 -9.73 16.77 4.04
N VAL B 285 -10.06 16.98 5.32
CA VAL B 285 -11.35 17.63 5.65
C VAL B 285 -11.14 19.08 6.12
N SER B 286 -9.86 19.44 6.26
CA SER B 286 -9.43 20.78 6.65
C SER B 286 -9.87 21.83 5.65
N ALA B 287 -9.08 21.99 4.58
CA ALA B 287 -9.41 23.00 3.55
C ALA B 287 -10.84 22.81 3.11
N LEU B 288 -11.30 21.57 3.12
CA LEU B 288 -12.64 21.23 2.64
C LEU B 288 -13.68 21.87 3.43
N LEU B 289 -13.44 22.02 4.73
CA LEU B 289 -14.46 22.59 5.65
C LEU B 289 -14.32 24.11 5.66
N GLY B 290 -13.33 24.62 4.93
CA GLY B 290 -13.14 26.04 4.81
C GLY B 290 -12.21 26.70 5.80
N ARG B 291 -11.12 26.07 6.13
CA ARG B 291 -10.22 26.69 7.09
C ARG B 291 -9.03 27.10 6.30
N MET B 292 -7.99 27.62 6.95
CA MET B 292 -6.78 28.05 6.25
C MET B 292 -5.65 27.08 6.47
N PRO B 293 -5.06 26.52 5.43
CA PRO B 293 -4.07 25.49 5.54
C PRO B 293 -2.89 25.98 6.30
N SER B 294 -2.01 25.08 6.69
CA SER B 294 -0.84 25.41 7.53
C SER B 294 0.43 24.71 6.97
N ALA B 295 1.39 24.47 7.83
CA ALA B 295 2.67 23.96 7.43
C ALA B 295 2.65 22.78 6.55
N VAL B 296 3.08 22.92 5.31
CA VAL B 296 3.10 21.79 4.35
C VAL B 296 1.77 21.29 3.86
N GLY B 297 0.78 22.20 3.80
CA GLY B 297 -0.58 21.88 3.37
C GLY B 297 -1.49 21.28 4.47
N TYR B 298 -0.94 21.01 5.64
CA TYR B 298 -1.72 20.44 6.72
C TYR B 298 -2.69 21.46 7.31
N GLN B 299 -3.51 21.04 8.24
CA GLN B 299 -4.45 21.93 8.88
C GLN B 299 -3.87 22.75 10.04
N PRO B 300 -4.56 23.84 10.33
CA PRO B 300 -4.16 24.65 11.48
C PRO B 300 -4.39 23.88 12.82
N THR B 301 -5.32 22.93 12.69
CA THR B 301 -5.74 22.10 13.77
C THR B 301 -5.13 20.71 13.62
N LEU B 302 -3.82 20.60 13.42
CA LEU B 302 -3.15 19.33 13.31
C LEU B 302 -2.75 18.84 14.65
N SER B 303 -2.26 19.75 15.48
CA SER B 303 -1.75 19.53 16.86
C SER B 303 -2.90 19.32 17.82
N THR B 304 -4.06 19.89 17.47
CA THR B 304 -5.24 19.72 18.34
C THR B 304 -5.93 18.40 18.05
N GLU B 305 -5.69 17.83 16.89
CA GLU B 305 -6.38 16.62 16.43
C GLU B 305 -5.75 15.31 16.78
N MET B 306 -4.47 15.16 16.52
CA MET B 306 -3.77 13.93 16.95
C MET B 306 -3.22 14.03 18.42
N GLY B 307 -3.48 15.14 19.04
CA GLY B 307 -3.08 15.27 20.37
C GLY B 307 -4.21 14.83 21.30
N SER B 308 -5.43 15.25 20.98
CA SER B 308 -6.52 14.88 21.84
C SER B 308 -6.78 13.37 21.75
N LEU B 309 -6.08 12.68 20.86
CA LEU B 309 -6.34 11.28 20.72
C LEU B 309 -5.08 10.46 20.76
N GLN B 310 -4.26 10.71 21.80
CA GLN B 310 -2.98 10.05 22.12
C GLN B 310 -2.81 10.22 23.64
N GLU B 311 -3.76 10.91 24.26
CA GLU B 311 -3.72 11.15 25.69
C GLU B 311 -4.92 10.59 26.34
N ARG B 312 -5.55 9.66 25.64
CA ARG B 312 -6.64 8.83 26.12
C ARG B 312 -6.04 7.44 26.03
N ILE B 313 -5.15 7.29 25.06
CA ILE B 313 -4.38 6.10 24.79
C ILE B 313 -3.23 6.11 25.78
N THR B 314 -3.55 6.20 27.05
CA THR B 314 -2.52 6.12 28.09
C THR B 314 -2.86 5.16 29.26
N SER B 315 -1.84 4.88 30.05
CA SER B 315 -2.03 4.05 31.21
C SER B 315 -2.48 4.96 32.34
N THR B 316 -3.36 4.48 33.21
CA THR B 316 -3.79 5.23 34.37
C THR B 316 -3.71 4.30 35.57
N LYS B 317 -4.21 4.78 36.70
CA LYS B 317 -4.17 3.98 37.94
C LYS B 317 -5.17 2.85 37.83
N GLU B 318 -6.25 3.12 37.09
CA GLU B 318 -7.33 2.17 36.83
C GLU B 318 -6.91 1.00 35.97
N GLY B 319 -5.73 1.09 35.37
CA GLY B 319 -5.24 0.02 34.51
C GLY B 319 -4.06 0.34 33.61
N SER B 320 -4.25 0.21 32.32
CA SER B 320 -3.16 0.52 31.41
C SER B 320 -3.47 0.31 29.92
N ILE B 321 -2.68 1.01 29.09
CA ILE B 321 -2.80 0.95 27.63
C ILE B 321 -1.41 0.97 27.09
N THR B 322 -0.92 -0.09 26.54
CA THR B 322 0.45 -0.07 26.05
C THR B 322 0.37 0.14 24.55
N SER B 323 0.12 1.34 24.06
CA SER B 323 -0.04 1.47 22.62
C SER B 323 1.22 1.46 21.74
N ILE B 324 1.26 0.47 20.85
CA ILE B 324 2.37 0.28 19.89
C ILE B 324 1.92 0.72 18.49
N GLN B 325 1.98 2.05 18.28
CA GLN B 325 1.48 2.80 17.13
C GLN B 325 2.50 3.10 16.09
N ALA B 326 2.13 2.86 14.83
CA ALA B 326 2.99 3.19 13.68
C ALA B 326 2.58 4.58 13.00
N VAL B 327 3.61 5.27 12.47
CA VAL B 327 3.42 6.59 11.87
C VAL B 327 4.15 6.82 10.57
N TYR B 328 3.36 6.98 9.48
CA TYR B 328 3.92 7.21 8.12
C TYR B 328 4.74 8.51 8.01
N VAL B 329 5.91 8.44 7.35
CA VAL B 329 6.83 9.57 7.15
C VAL B 329 6.99 9.93 5.64
N PRO B 330 6.10 10.77 5.17
CA PRO B 330 6.07 11.23 3.78
C PRO B 330 7.43 11.67 3.24
N ALA B 331 7.68 11.29 1.99
CA ALA B 331 8.94 11.60 1.30
C ALA B 331 10.20 11.45 2.21
N ASP B 332 10.20 10.48 3.12
CA ASP B 332 11.35 10.23 3.96
C ASP B 332 11.70 11.33 4.95
N ASP B 333 10.95 12.45 4.94
CA ASP B 333 11.23 13.64 5.79
C ASP B 333 10.55 13.70 7.24
N LEU B 334 11.40 13.76 8.25
CA LEU B 334 10.95 13.84 9.66
C LEU B 334 10.63 15.30 10.07
N THR B 335 11.04 16.26 9.23
CA THR B 335 10.74 17.68 9.52
C THR B 335 9.23 17.89 9.27
N ASP B 336 8.69 17.00 8.45
CA ASP B 336 7.29 16.96 8.09
C ASP B 336 6.45 17.10 9.31
N PRO B 337 5.50 17.98 9.27
CA PRO B 337 4.61 18.27 10.39
C PRO B 337 3.75 17.11 10.92
N ALA B 338 3.35 16.23 10.02
CA ALA B 338 2.50 15.08 10.38
C ALA B 338 3.16 14.09 11.32
N PRO B 339 4.30 13.47 10.95
CA PRO B 339 4.95 12.57 11.91
C PRO B 339 5.66 13.35 13.02
N ALA B 340 6.37 14.42 12.66
CA ALA B 340 7.07 15.25 13.62
C ALA B 340 6.21 15.45 14.86
N THR B 341 4.98 15.88 14.65
CA THR B 341 4.07 16.09 15.76
C THR B 341 3.97 14.87 16.69
N THR B 342 3.90 13.70 16.15
CA THR B 342 3.74 12.54 17.00
C THR B 342 4.74 12.57 18.20
N PHE B 343 6.02 12.42 17.83
CA PHE B 343 7.15 12.29 18.76
C PHE B 343 6.92 12.72 20.20
N ALA B 344 6.42 13.92 20.41
CA ALA B 344 6.19 14.41 21.76
C ALA B 344 5.44 13.37 22.51
N HIS B 345 4.36 12.89 21.87
CA HIS B 345 3.49 11.87 22.46
C HIS B 345 4.14 10.46 22.53
N LEU B 346 5.47 10.37 22.60
CA LEU B 346 6.13 9.07 22.66
C LEU B 346 7.18 8.87 23.80
N ASP B 347 7.06 7.72 24.49
CA ASP B 347 8.00 7.27 25.52
C ASP B 347 9.10 6.46 24.86
N ALA B 348 8.98 6.21 23.57
CA ALA B 348 10.01 5.51 22.83
C ALA B 348 9.83 5.84 21.34
N THR B 349 10.81 5.51 20.51
CA THR B 349 10.78 5.73 19.05
C THR B 349 11.68 4.71 18.33
N THR B 350 11.15 4.13 17.27
CA THR B 350 11.93 3.22 16.48
C THR B 350 11.95 3.73 15.07
N VAL B 351 12.85 4.67 14.78
CA VAL B 351 12.92 5.25 13.48
C VAL B 351 13.64 4.35 12.53
N LEU B 352 12.96 3.88 11.49
CA LEU B 352 13.52 2.98 10.49
C LEU B 352 14.18 3.74 9.35
N SER B 353 15.17 3.13 8.71
CA SER B 353 15.85 3.77 7.54
C SER B 353 15.60 3.10 6.20
N ARG B 354 15.59 3.89 5.13
CA ARG B 354 15.37 3.37 3.78
C ARG B 354 16.72 2.92 3.15
N GLY B 355 17.80 3.56 3.59
CA GLY B 355 19.14 3.25 3.11
C GLY B 355 19.69 2.10 3.92
N LEU B 356 19.35 2.06 5.22
CA LEU B 356 19.78 0.98 6.11
C LEU B 356 18.93 -0.22 5.82
N ALA B 357 17.92 -0.01 4.96
CA ALA B 357 17.00 -1.05 4.50
C ALA B 357 17.40 -1.42 3.08
N ALA B 358 18.07 -0.48 2.44
CA ALA B 358 18.58 -0.68 1.11
C ALA B 358 19.83 -1.55 1.23
N LYS B 359 20.23 -1.80 2.46
CA LYS B 359 21.39 -2.63 2.71
C LYS B 359 20.97 -4.06 3.05
N GLY B 360 19.67 -4.30 3.20
CA GLY B 360 19.22 -5.65 3.52
C GLY B 360 19.13 -5.99 4.99
N ILE B 361 19.78 -5.19 5.85
CA ILE B 361 19.73 -5.37 7.30
C ILE B 361 18.33 -5.10 7.83
N TYR B 362 17.65 -6.14 8.30
CA TYR B 362 16.28 -6.03 8.81
C TYR B 362 16.19 -6.61 10.22
N PRO B 363 15.31 -6.10 11.08
CA PRO B 363 14.42 -4.98 10.77
C PRO B 363 15.21 -3.73 10.50
N ALA B 364 14.91 -3.02 9.45
CA ALA B 364 15.69 -1.83 9.11
C ALA B 364 15.55 -0.73 10.14
N VAL B 365 16.23 -0.86 11.29
CA VAL B 365 16.15 0.13 12.36
C VAL B 365 17.47 0.84 12.64
N ASP B 366 17.44 2.17 12.51
CA ASP B 366 18.59 3.02 12.72
C ASP B 366 18.97 3.06 14.20
N PRO B 367 20.07 2.39 14.55
CA PRO B 367 20.50 2.25 15.95
C PRO B 367 20.86 3.59 16.59
N LEU B 368 20.98 4.62 15.75
CA LEU B 368 21.30 5.95 16.24
C LEU B 368 20.04 6.79 16.49
N ASP B 369 19.15 6.84 15.50
CA ASP B 369 17.92 7.61 15.64
C ASP B 369 16.79 6.71 16.12
N SER B 370 16.73 6.44 17.42
CA SER B 370 15.69 5.56 17.98
C SER B 370 15.80 5.58 19.50
N THR B 371 14.95 6.32 20.18
CA THR B 371 15.08 6.43 21.64
C THR B 371 14.02 5.73 22.49
N SER B 372 14.17 5.86 23.81
CA SER B 372 13.27 5.28 24.81
C SER B 372 13.57 5.82 26.21
N THR B 373 12.64 6.61 26.74
CA THR B 373 12.78 7.21 28.05
C THR B 373 13.35 6.24 29.06
N MET B 374 13.05 4.96 28.92
CA MET B 374 13.52 3.95 29.89
C MET B 374 14.96 3.44 29.69
N LEU B 375 15.78 4.15 28.92
CA LEU B 375 17.17 3.78 28.73
C LEU B 375 17.92 4.28 29.97
N GLN B 376 17.29 4.16 31.13
CA GLN B 376 17.93 4.63 32.32
C GLN B 376 18.45 3.50 33.18
N PRO B 377 19.67 3.62 33.69
CA PRO B 377 20.27 2.56 34.50
C PRO B 377 19.47 2.44 35.80
N ARG B 378 18.69 3.48 36.08
CA ARG B 378 17.82 3.47 37.25
C ARG B 378 16.58 2.63 37.00
N ILE B 379 16.41 2.17 35.77
CA ILE B 379 15.24 1.37 35.42
C ILE B 379 15.53 0.01 34.71
N VAL B 380 16.79 -0.23 34.37
CA VAL B 380 17.18 -1.48 33.71
C VAL B 380 18.56 -2.02 34.18
N GLY B 381 19.55 -1.16 34.33
CA GLY B 381 20.87 -1.59 34.75
C GLY B 381 22.03 -0.94 34.02
N GLU B 382 23.22 -1.10 34.60
CA GLU B 382 24.45 -0.55 34.07
C GLU B 382 24.93 -1.27 32.81
N GLU B 383 24.88 -2.60 32.84
CA GLU B 383 25.33 -3.42 31.70
C GLU B 383 24.47 -3.14 30.44
N HIS B 384 23.19 -2.83 30.68
CA HIS B 384 22.25 -2.51 29.63
C HIS B 384 22.47 -1.04 29.23
N TYR B 385 22.88 -0.26 30.22
CA TYR B 385 23.08 1.19 30.05
C TYR B 385 24.34 1.57 29.29
N GLU B 386 25.49 1.05 29.72
CA GLU B 386 26.78 1.38 29.06
C GLU B 386 26.79 0.84 27.63
N ILE B 387 26.77 -0.49 27.53
CA ILE B 387 26.82 -1.19 26.25
C ILE B 387 26.01 -0.50 25.19
N ALA B 388 24.72 -0.30 25.48
CA ALA B 388 23.80 0.34 24.55
C ALA B 388 24.51 1.56 23.96
N GLN B 389 25.11 2.36 24.84
CA GLN B 389 25.85 3.57 24.45
C GLN B 389 27.18 3.25 23.74
N ARG B 390 27.91 2.31 24.32
CA ARG B 390 29.18 1.84 23.76
C ARG B 390 28.93 1.42 22.32
N VAL B 391 27.81 0.68 22.15
CA VAL B 391 27.35 0.22 20.86
C VAL B 391 27.15 1.43 19.93
N LYS B 392 26.31 2.35 20.44
CA LYS B 392 25.98 3.58 19.74
C LYS B 392 27.23 4.43 19.48
N GLU B 393 28.10 4.53 20.48
CA GLU B 393 29.33 5.32 20.36
C GLU B 393 30.08 4.95 19.08
N THR B 394 30.33 3.66 18.91
CA THR B 394 31.05 3.15 17.74
C THR B 394 30.19 3.39 16.52
N LEU B 395 28.87 3.39 16.75
CA LEU B 395 27.92 3.61 15.67
C LEU B 395 27.79 5.08 15.30
N GLN B 396 28.51 5.90 16.04
CA GLN B 396 28.58 7.34 15.80
C GLN B 396 29.88 7.55 15.06
N ARG B 397 30.91 6.86 15.56
CA ARG B 397 32.24 6.92 15.02
C ARG B 397 32.21 6.57 13.55
N TYR B 398 31.88 5.31 13.26
CA TYR B 398 31.86 4.85 11.88
C TYR B 398 30.98 5.74 11.00
N LYS B 399 29.92 6.29 11.59
CA LYS B 399 29.00 7.13 10.84
C LYS B 399 29.64 8.48 10.52
N GLU B 400 30.63 8.88 11.33
CA GLU B 400 31.35 10.13 11.10
C GLU B 400 32.68 9.83 10.41
N LEU B 401 32.92 8.55 10.13
CA LEU B 401 34.13 8.10 9.46
C LEU B 401 33.84 7.86 7.97
N GLN B 402 32.59 7.46 7.70
CA GLN B 402 32.16 7.16 6.34
C GLN B 402 32.60 8.24 5.35
N ASP B 403 31.89 9.36 5.35
CA ASP B 403 32.20 10.47 4.45
C ASP B 403 33.70 10.73 4.34
N ILE B 404 34.44 10.26 5.33
CA ILE B 404 35.89 10.46 5.35
C ILE B 404 36.60 9.36 4.51
N ILE B 405 36.48 8.12 4.97
CA ILE B 405 37.14 6.97 4.30
C ILE B 405 36.66 6.79 2.87
N ALA B 406 35.40 7.13 2.62
CA ALA B 406 34.80 6.96 1.30
C ALA B 406 35.68 7.60 0.22
N ILE B 407 36.39 8.65 0.60
CA ILE B 407 37.25 9.36 -0.33
C ILE B 407 38.69 9.34 0.15
N LEU B 408 38.87 9.30 1.47
CA LEU B 408 40.19 9.32 2.07
C LEU B 408 40.77 7.94 2.40
N GLY B 409 40.11 6.87 1.95
CA GLY B 409 40.60 5.52 2.19
C GLY B 409 40.89 5.18 3.65
N LEU B 410 41.65 4.11 3.85
CA LEU B 410 41.99 3.63 5.19
C LEU B 410 43.52 3.64 5.47
N ASP B 411 44.33 3.60 4.43
CA ASP B 411 45.78 3.57 4.55
C ASP B 411 46.42 4.48 5.61
N GLU B 412 45.78 5.57 5.99
CA GLU B 412 46.38 6.46 6.98
C GLU B 412 45.61 6.43 8.30
N LEU B 413 44.57 5.60 8.35
CA LEU B 413 43.75 5.46 9.55
C LEU B 413 44.55 4.73 10.62
N SER B 414 44.46 5.21 11.85
CA SER B 414 45.17 4.60 12.98
C SER B 414 44.63 3.19 13.33
N GLU B 415 45.51 2.35 13.88
CA GLU B 415 45.15 0.99 14.26
C GLU B 415 44.06 1.02 15.32
N GLU B 416 43.79 2.20 15.90
CA GLU B 416 42.75 2.37 16.91
C GLU B 416 41.43 2.87 16.32
N ASP B 417 41.44 3.17 15.03
CA ASP B 417 40.24 3.66 14.34
C ASP B 417 39.73 2.71 13.25
N ARG B 418 40.60 1.81 12.82
CA ARG B 418 40.23 0.79 11.85
C ARG B 418 39.51 -0.30 12.64
N LEU B 419 39.65 -0.24 13.96
CA LEU B 419 39.03 -1.17 14.90
C LEU B 419 37.57 -0.76 15.07
N THR B 420 37.31 0.54 14.91
CA THR B 420 35.94 1.03 15.01
C THR B 420 35.20 0.50 13.81
N VAL B 421 35.86 0.49 12.66
CA VAL B 421 35.21 0.02 11.45
C VAL B 421 34.73 -1.45 11.51
N ALA B 422 35.63 -2.37 11.79
CA ALA B 422 35.28 -3.78 11.82
C ALA B 422 34.20 -4.02 12.87
N ARG B 423 34.46 -3.57 14.09
CA ARG B 423 33.51 -3.80 15.17
C ARG B 423 32.14 -3.26 14.84
N ALA B 424 32.12 -2.05 14.29
CA ALA B 424 30.86 -1.39 13.92
C ALA B 424 30.10 -2.28 12.95
N ARG B 425 30.78 -2.65 11.86
CA ARG B 425 30.18 -3.50 10.84
C ARG B 425 29.78 -4.82 11.44
N LYS B 426 30.22 -5.07 12.65
CA LYS B 426 29.83 -6.29 13.32
C LYS B 426 28.62 -5.99 14.17
N ILE B 427 28.49 -4.71 14.53
CA ILE B 427 27.39 -4.22 15.37
C ILE B 427 26.14 -3.97 14.53
N GLU B 428 26.26 -3.15 13.50
CA GLU B 428 25.16 -2.83 12.60
C GLU B 428 24.55 -4.11 11.94
N ARG B 429 25.32 -5.19 12.00
CA ARG B 429 24.88 -6.48 11.44
C ARG B 429 24.33 -7.39 12.55
N PHE B 430 25.05 -7.42 13.65
CA PHE B 430 24.58 -8.22 14.76
C PHE B 430 23.26 -7.57 15.16
N LEU B 431 23.01 -6.39 14.59
CA LEU B 431 21.80 -5.62 14.89
C LEU B 431 20.69 -5.99 13.90
N SER B 432 20.91 -7.12 13.20
CA SER B 432 19.93 -7.61 12.25
C SER B 432 19.26 -8.78 12.93
N GLN B 433 18.05 -9.10 12.52
CA GLN B 433 17.33 -10.20 13.12
C GLN B 433 16.03 -10.50 12.35
N PRO B 434 16.01 -11.62 11.61
CA PRO B 434 14.82 -11.96 10.82
C PRO B 434 13.61 -11.97 11.75
N PHE B 435 12.40 -12.11 11.21
CA PHE B 435 11.18 -12.11 12.02
C PHE B 435 10.40 -13.40 11.86
N PHE B 436 9.58 -13.72 12.86
CA PHE B 436 8.74 -14.91 12.77
C PHE B 436 7.60 -14.69 11.79
N VAL B 437 7.34 -13.42 11.48
CA VAL B 437 6.30 -13.05 10.51
C VAL B 437 6.92 -12.79 9.16
N ALA B 438 8.15 -12.30 9.18
CA ALA B 438 8.90 -12.00 7.97
C ALA B 438 9.70 -13.23 7.47
N GLU B 439 9.25 -14.43 7.82
CA GLU B 439 9.92 -15.63 7.35
C GLU B 439 9.85 -15.76 5.82
N VAL B 440 9.22 -14.81 5.15
CA VAL B 440 9.09 -14.87 3.70
C VAL B 440 9.88 -13.79 2.98
N PHE B 441 10.51 -12.91 3.74
CA PHE B 441 11.32 -11.82 3.19
C PHE B 441 12.78 -12.12 3.50
N THR B 442 13.02 -12.87 4.59
CA THR B 442 14.37 -13.21 5.00
C THR B 442 14.80 -14.58 4.50
N GLY B 443 13.88 -15.53 4.52
CA GLY B 443 14.20 -16.88 4.07
C GLY B 443 14.85 -17.74 5.14
N SER B 444 14.92 -17.23 6.36
CA SER B 444 15.50 -17.98 7.46
C SER B 444 14.59 -17.93 8.68
N PRO B 445 14.71 -18.92 9.57
CA PRO B 445 13.88 -19.00 10.78
C PRO B 445 14.09 -17.84 11.78
N GLY B 446 12.95 -17.33 12.26
CA GLY B 446 12.95 -16.23 13.19
C GLY B 446 13.61 -16.71 14.44
N LYS B 447 13.95 -15.79 15.32
CA LYS B 447 14.62 -16.10 16.60
C LYS B 447 14.21 -15.08 17.68
N TYR B 448 13.97 -15.56 18.89
CA TYR B 448 13.57 -14.70 19.99
C TYR B 448 14.79 -14.31 20.85
N VAL B 449 15.27 -13.08 20.71
CA VAL B 449 16.44 -12.64 21.45
C VAL B 449 16.11 -11.55 22.49
N GLY B 450 15.88 -11.98 23.73
CA GLY B 450 15.57 -11.07 24.82
C GLY B 450 16.75 -10.26 25.31
N LEU B 451 16.53 -9.55 26.43
CA LEU B 451 17.53 -8.69 27.05
C LEU B 451 18.93 -9.33 27.22
N ALA B 452 19.07 -10.16 28.23
CA ALA B 452 20.33 -10.83 28.55
C ALA B 452 21.03 -11.43 27.33
N GLU B 453 20.28 -12.16 26.52
CA GLU B 453 20.87 -12.77 25.35
C GLU B 453 21.50 -11.69 24.46
N THR B 454 20.82 -10.55 24.36
CA THR B 454 21.28 -9.42 23.54
C THR B 454 22.38 -8.64 24.25
N ILE B 455 22.09 -8.25 25.49
CA ILE B 455 23.04 -7.48 26.31
C ILE B 455 24.47 -7.97 26.17
N ARG B 456 24.69 -9.19 26.65
CA ARG B 456 26.00 -9.86 26.63
C ARG B 456 26.53 -10.10 25.21
N GLY B 457 25.66 -10.57 24.31
CA GLY B 457 26.05 -10.81 22.93
C GLY B 457 26.90 -9.65 22.40
N PHE B 458 26.48 -8.43 22.74
CA PHE B 458 27.15 -7.19 22.29
C PHE B 458 28.37 -6.86 23.15
N GLN B 459 28.29 -7.23 24.42
CA GLN B 459 29.40 -6.99 25.32
C GLN B 459 30.61 -7.81 24.87
N LEU B 460 30.35 -8.85 24.06
CA LEU B 460 31.39 -9.73 23.56
C LEU B 460 31.97 -9.12 22.28
N ILE B 461 31.31 -8.08 21.79
CA ILE B 461 31.74 -7.39 20.58
C ILE B 461 32.57 -6.16 20.92
N LEU B 462 32.06 -5.36 21.84
CA LEU B 462 32.72 -4.14 22.30
C LEU B 462 34.05 -4.47 22.98
N SER B 463 34.27 -5.75 23.23
CA SER B 463 35.48 -6.19 23.89
C SER B 463 36.50 -6.73 22.89
N GLY B 464 36.15 -6.67 21.61
CA GLY B 464 37.03 -7.21 20.58
C GLY B 464 37.37 -8.66 20.88
N GLU B 465 36.42 -9.37 21.50
CA GLU B 465 36.60 -10.78 21.80
C GLU B 465 36.29 -11.57 20.53
N LEU B 466 35.76 -10.86 19.54
CA LEU B 466 35.32 -11.48 18.29
C LEU B 466 35.88 -10.78 17.04
N ASP B 467 36.98 -10.04 17.21
CA ASP B 467 37.62 -9.31 16.09
C ASP B 467 38.05 -10.21 14.93
N SER B 468 38.13 -11.52 15.15
CA SER B 468 38.54 -12.44 14.08
C SER B 468 37.38 -12.67 13.09
N LEU B 469 36.25 -13.11 13.65
CA LEU B 469 35.04 -13.41 12.89
C LEU B 469 34.67 -12.32 11.88
N PRO B 470 34.09 -12.74 10.76
CA PRO B 470 33.66 -11.81 9.71
C PRO B 470 32.39 -11.03 10.06
N GLU B 471 31.92 -10.22 9.12
CA GLU B 471 30.75 -9.39 9.36
C GLU B 471 29.48 -10.23 9.24
N GLN B 472 29.27 -10.81 8.06
CA GLN B 472 28.07 -11.61 7.79
C GLN B 472 27.97 -12.80 8.74
N ALA B 473 28.70 -12.73 9.84
CA ALA B 473 28.65 -13.81 10.80
C ALA B 473 27.58 -13.48 11.84
N PHE B 474 27.23 -12.19 11.90
CA PHE B 474 26.22 -11.71 12.82
C PHE B 474 24.94 -11.23 12.05
N TYR B 475 25.00 -11.20 10.73
CA TYR B 475 23.86 -10.78 9.91
C TYR B 475 22.79 -11.86 9.93
N LEU B 476 21.57 -11.46 10.24
CA LEU B 476 20.46 -12.40 10.30
C LEU B 476 20.83 -13.63 11.15
N VAL B 477 21.21 -13.34 12.38
CA VAL B 477 21.57 -14.36 13.33
C VAL B 477 20.74 -14.18 14.61
N GLY B 478 20.51 -15.26 15.33
CA GLY B 478 19.78 -15.17 16.57
C GLY B 478 20.68 -14.59 17.67
N ASN B 479 21.28 -15.47 18.46
CA ASN B 479 22.17 -15.05 19.54
C ASN B 479 23.61 -14.92 19.07
N ILE B 480 24.49 -14.44 19.96
CA ILE B 480 25.91 -14.27 19.63
C ILE B 480 26.50 -15.59 19.16
N ASP B 481 26.09 -16.69 19.79
CA ASP B 481 26.58 -18.00 19.45
C ASP B 481 26.18 -18.30 18.02
N GLU B 482 24.93 -18.02 17.70
CA GLU B 482 24.46 -18.27 16.35
C GLU B 482 25.27 -17.43 15.36
N ALA B 483 25.97 -16.43 15.90
CA ALA B 483 26.82 -15.55 15.11
C ALA B 483 28.23 -16.14 15.04
N THR B 484 28.41 -17.26 15.74
CA THR B 484 29.66 -17.99 15.79
C THR B 484 29.31 -19.45 15.64
N ALA B 485 28.99 -19.83 14.41
CA ALA B 485 28.62 -21.18 14.07
C ALA B 485 28.76 -21.34 12.56
#